data_9IYE
#
_entry.id   9IYE
#
_cell.length_a   137.919
_cell.length_b   78.618
_cell.length_c   106.981
_cell.angle_alpha   90.000
_cell.angle_beta   93.118
_cell.angle_gamma   90.000
#
_symmetry.space_group_name_H-M   'C 1 2 1'
#
loop_
_entity.id
_entity.type
_entity.pdbx_description
1 polymer 'Phosphopantetheine adenylyltransferase'
2 non-polymer 'PHOSPHONOACETIC ACID'
3 non-polymer GLYCEROL
4 non-polymer 1,2-ETHANEDIOL
5 water water
#
_entity_poly.entity_id   1
_entity_poly.type   'polypeptide(L)'
_entity_poly.pdbx_seq_one_letter_code
;MASMTGGQQMGRGSMSTKAIYPGTFDPITNGHIDIITRAASMFDRVILAIAASPSKKPMFDLEERVALATTALQHLPNVE
VMGFSDLMANFARAQQANILIRGLRAVADFEYEMQLAHMNRHLMPELESVFLMPSKEWSFISSSLVKEVARHAGDVTHFL
PANVHQALMEKLK
;
_entity_poly.pdbx_strand_id   A,B,C,D,E,F
#
loop_
_chem_comp.id
_chem_comp.type
_chem_comp.name
_chem_comp.formula
EDO non-polymer 1,2-ETHANEDIOL 'C2 H6 O2'
GOL non-polymer GLYCEROL 'C3 H8 O3'
PAE non-polymer 'PHOSPHONOACETIC ACID' 'C2 H5 O5 P'
#
# COMPACT_ATOMS: atom_id res chain seq x y z
N MET A 15 28.62 27.23 7.31
CA MET A 15 29.93 27.25 6.58
C MET A 15 30.39 25.80 6.37
N SER A 16 31.47 25.42 7.05
CA SER A 16 32.16 24.16 6.80
C SER A 16 31.26 22.99 7.20
N THR A 17 31.33 21.91 6.42
CA THR A 17 30.88 20.59 6.84
C THR A 17 32.10 19.66 6.91
N LYS A 18 32.17 18.90 8.00
CA LYS A 18 33.22 17.90 8.16
C LYS A 18 32.59 16.60 8.65
N ALA A 19 32.74 15.54 7.84
CA ALA A 19 32.09 14.27 8.06
C ALA A 19 33.11 13.20 8.43
N ILE A 20 32.70 12.29 9.31
CA ILE A 20 33.44 11.08 9.65
C ILE A 20 32.68 9.91 9.05
N TYR A 21 33.39 8.99 8.40
CA TYR A 21 32.85 7.73 7.92
C TYR A 21 33.57 6.60 8.65
N PRO A 22 33.03 6.12 9.79
CA PRO A 22 33.67 5.07 10.59
C PRO A 22 33.37 3.64 10.13
N GLY A 23 34.29 2.74 10.45
CA GLY A 23 34.20 1.34 10.11
C GLY A 23 35.46 0.58 10.53
N THR A 24 35.45 -0.74 10.29
CA THR A 24 36.63 -1.55 10.50
C THR A 24 37.47 -1.61 9.21
N PHE A 25 36.82 -1.55 8.06
CA PHE A 25 37.50 -1.46 6.77
C PHE A 25 38.61 -2.50 6.68
N ASP A 26 38.20 -3.79 6.75
CA ASP A 26 39.11 -4.91 6.90
C ASP A 26 38.87 -5.92 5.78
N PRO A 27 39.30 -5.67 4.53
CA PRO A 27 39.80 -4.36 4.08
C PRO A 27 38.74 -3.50 3.40
N ILE A 28 39.12 -2.27 3.05
CA ILE A 28 38.26 -1.39 2.27
C ILE A 28 37.89 -2.06 0.94
N THR A 29 36.62 -1.94 0.53
CA THR A 29 36.13 -2.50 -0.72
C THR A 29 35.67 -1.36 -1.63
N ASN A 30 35.29 -1.72 -2.86
CA ASN A 30 34.76 -0.79 -3.85
C ASN A 30 33.46 -0.19 -3.32
N GLY A 31 32.75 -0.93 -2.46
CA GLY A 31 31.51 -0.44 -1.87
C GLY A 31 31.78 0.74 -0.95
N HIS A 32 32.79 0.60 -0.09
CA HIS A 32 33.22 1.67 0.80
C HIS A 32 33.70 2.87 -0.02
N ILE A 33 34.45 2.61 -1.08
CA ILE A 33 35.03 3.65 -1.92
C ILE A 33 33.91 4.47 -2.56
N ASP A 34 32.86 3.78 -3.01
CA ASP A 34 31.68 4.42 -3.58
C ASP A 34 31.01 5.34 -2.56
N ILE A 35 30.78 4.84 -1.35
CA ILE A 35 30.16 5.62 -0.30
C ILE A 35 30.98 6.89 -0.05
N ILE A 36 32.29 6.75 0.14
CA ILE A 36 33.09 7.89 0.58
C ILE A 36 33.24 8.90 -0.57
N THR A 37 33.27 8.40 -1.81
CA THR A 37 33.35 9.27 -2.98
C THR A 37 32.12 10.17 -3.03
N ARG A 38 30.96 9.57 -2.80
CA ARG A 38 29.68 10.27 -2.81
C ARG A 38 29.61 11.29 -1.67
N ALA A 39 30.08 10.89 -0.47
CA ALA A 39 30.06 11.77 0.68
C ALA A 39 30.99 12.95 0.46
N ALA A 40 32.16 12.68 -0.13
CA ALA A 40 33.17 13.70 -0.35
C ALA A 40 32.72 14.71 -1.40
N SER A 41 31.71 14.35 -2.22
CA SER A 41 31.15 15.27 -3.20
C SER A 41 30.17 16.25 -2.56
N MET A 42 29.65 15.93 -1.37
CA MET A 42 28.60 16.74 -0.76
C MET A 42 29.06 17.41 0.53
N PHE A 43 30.21 16.99 1.11
CA PHE A 43 30.71 17.59 2.33
C PHE A 43 32.13 18.11 2.07
N ASP A 44 32.49 19.19 2.79
CA ASP A 44 33.74 19.89 2.52
C ASP A 44 34.92 18.98 2.79
N ARG A 45 34.87 18.27 3.93
CA ARG A 45 35.90 17.32 4.32
C ARG A 45 35.27 16.03 4.82
N VAL A 46 35.95 14.92 4.57
CA VAL A 46 35.52 13.62 5.05
C VAL A 46 36.72 12.90 5.63
N ILE A 47 36.54 12.33 6.82
CA ILE A 47 37.54 11.44 7.41
C ILE A 47 37.02 10.00 7.35
N LEU A 48 37.80 9.11 6.74
CA LEU A 48 37.60 7.68 6.90
C LEU A 48 38.18 7.28 8.25
N ALA A 49 37.32 7.01 9.25
CA ALA A 49 37.75 6.67 10.60
C ALA A 49 37.82 5.16 10.77
N ILE A 50 39.04 4.60 10.84
CA ILE A 50 39.23 3.16 10.92
C ILE A 50 39.39 2.76 12.40
N ALA A 51 38.47 1.91 12.88
CA ALA A 51 38.51 1.48 14.27
C ALA A 51 39.76 0.65 14.55
N ALA A 52 40.54 1.08 15.55
CA ALA A 52 41.80 0.42 15.90
C ALA A 52 41.61 -0.97 16.49
N SER A 53 40.71 -1.08 17.48
CA SER A 53 40.58 -2.27 18.30
C SER A 53 39.16 -2.83 18.20
N PRO A 54 38.73 -3.37 17.05
CA PRO A 54 37.40 -4.00 16.96
C PRO A 54 37.38 -5.27 17.82
N SER A 55 36.20 -5.64 18.34
CA SER A 55 36.13 -6.72 19.33
C SER A 55 36.46 -8.05 18.67
N LYS A 56 36.12 -8.22 17.39
CA LYS A 56 36.59 -9.33 16.58
C LYS A 56 37.92 -8.95 15.90
N LYS A 57 38.94 -9.79 16.10
CA LYS A 57 40.28 -9.53 15.58
C LYS A 57 40.24 -9.45 14.06
N PRO A 58 40.70 -8.35 13.45
CA PRO A 58 40.66 -8.21 11.99
C PRO A 58 41.78 -8.96 11.29
N MET A 59 41.61 -9.25 10.00
CA MET A 59 42.61 -9.90 9.16
C MET A 59 43.81 -8.97 8.99
N PHE A 60 43.54 -7.69 8.67
CA PHE A 60 44.57 -6.68 8.57
C PHE A 60 44.61 -5.90 9.88
N ASP A 61 45.83 -5.51 10.33
CA ASP A 61 45.94 -4.66 11.51
C ASP A 61 45.65 -3.20 11.11
N LEU A 62 45.60 -2.30 12.11
CA LEU A 62 45.24 -0.91 11.88
C LEU A 62 46.18 -0.27 10.87
N GLU A 63 47.48 -0.51 11.01
CA GLU A 63 48.48 0.10 10.16
C GLU A 63 48.21 -0.31 8.72
N GLU A 64 47.91 -1.60 8.50
CA GLU A 64 47.68 -2.12 7.15
C GLU A 64 46.37 -1.58 6.57
N ARG A 65 45.33 -1.56 7.39
CA ARG A 65 44.01 -1.05 7.00
C ARG A 65 44.13 0.41 6.59
N VAL A 66 44.78 1.21 7.43
CA VAL A 66 44.99 2.63 7.19
C VAL A 66 45.81 2.82 5.91
N ALA A 67 46.83 2.00 5.70
CA ALA A 67 47.73 2.14 4.57
C ALA A 67 46.98 1.83 3.26
N LEU A 68 46.20 0.74 3.29
CA LEU A 68 45.43 0.34 2.12
C LEU A 68 44.39 1.40 1.74
N ALA A 69 43.66 1.88 2.76
CA ALA A 69 42.60 2.85 2.55
C ALA A 69 43.16 4.16 2.01
N THR A 70 44.30 4.60 2.58
CA THR A 70 44.96 5.83 2.17
C THR A 70 45.29 5.77 0.67
N THR A 71 45.87 4.64 0.24
CA THR A 71 46.25 4.45 -1.15
C THR A 71 45.00 4.46 -2.06
N ALA A 72 43.93 3.79 -1.61
CA ALA A 72 42.72 3.64 -2.41
C ALA A 72 41.98 4.97 -2.57
N LEU A 73 42.18 5.89 -1.62
CA LEU A 73 41.43 7.14 -1.56
C LEU A 73 42.30 8.37 -1.80
N GLN A 74 43.53 8.17 -2.30
CA GLN A 74 44.51 9.25 -2.43
C GLN A 74 44.04 10.28 -3.45
N HIS A 75 43.32 9.80 -4.46
CA HIS A 75 42.81 10.61 -5.56
C HIS A 75 41.66 11.53 -5.16
N LEU A 76 41.14 11.39 -3.94
CA LEU A 76 40.07 12.25 -3.43
C LEU A 76 40.70 13.31 -2.52
N PRO A 77 40.70 14.60 -2.93
CA PRO A 77 41.52 15.61 -2.27
C PRO A 77 41.03 16.03 -0.88
N ASN A 78 39.71 15.88 -0.62
CA ASN A 78 39.11 16.34 0.62
C ASN A 78 38.89 15.17 1.59
N VAL A 79 39.58 14.06 1.38
CA VAL A 79 39.40 12.86 2.19
C VAL A 79 40.70 12.59 2.93
N GLU A 80 40.59 12.26 4.22
CA GLU A 80 41.72 11.88 5.04
C GLU A 80 41.40 10.56 5.75
N VAL A 81 42.40 9.67 5.86
CA VAL A 81 42.23 8.38 6.50
C VAL A 81 42.94 8.41 7.85
N MET A 82 42.24 8.01 8.91
CA MET A 82 42.78 7.98 10.26
C MET A 82 42.27 6.77 11.02
N GLY A 83 43.09 6.28 11.95
CA GLY A 83 42.66 5.30 12.94
C GLY A 83 42.10 6.02 14.17
N PHE A 84 41.23 5.35 14.94
CA PHE A 84 40.70 5.92 16.18
C PHE A 84 40.39 4.77 17.14
N SER A 85 40.62 5.03 18.42
CA SER A 85 40.50 4.01 19.45
C SER A 85 39.68 4.55 20.63
N ASP A 86 38.69 5.41 20.35
CA ASP A 86 37.95 6.08 21.40
C ASP A 86 36.48 6.13 20.99
N LEU A 87 35.66 6.65 21.92
CA LEU A 87 34.24 6.84 21.67
C LEU A 87 34.08 7.70 20.44
N MET A 88 33.26 7.28 19.45
CA MET A 88 33.16 8.01 18.20
C MET A 88 32.78 9.47 18.46
N ALA A 89 31.96 9.70 19.47
CA ALA A 89 31.55 11.06 19.83
C ALA A 89 32.73 11.92 20.26
N ASN A 90 33.67 11.33 21.01
CA ASN A 90 34.88 11.99 21.46
C ASN A 90 35.82 12.26 20.29
N PHE A 91 35.90 11.31 19.35
CA PHE A 91 36.73 11.46 18.18
C PHE A 91 36.18 12.58 17.30
N ALA A 92 34.85 12.58 17.10
CA ALA A 92 34.20 13.58 16.27
C ALA A 92 34.42 14.95 16.89
N ARG A 93 34.31 15.06 18.21
CA ARG A 93 34.52 16.33 18.89
C ARG A 93 35.98 16.76 18.71
N ALA A 94 36.92 15.83 18.86
CA ALA A 94 38.33 16.11 18.68
C ALA A 94 38.64 16.60 17.27
N GLN A 95 37.95 16.05 16.27
CA GLN A 95 38.21 16.37 14.88
C GLN A 95 37.34 17.53 14.41
N GLN A 96 36.52 18.09 15.29
CA GLN A 96 35.59 19.16 14.94
C GLN A 96 34.67 18.73 13.79
N ALA A 97 34.26 17.47 13.80
CA ALA A 97 33.32 16.91 12.84
C ALA A 97 31.89 17.15 13.33
N ASN A 98 30.96 17.40 12.39
CA ASN A 98 29.57 17.68 12.69
C ASN A 98 28.63 16.72 11.95
N ILE A 99 29.21 15.80 11.17
CA ILE A 99 28.43 14.84 10.39
C ILE A 99 29.04 13.45 10.54
N LEU A 100 28.17 12.44 10.65
CA LEU A 100 28.57 11.06 10.69
C LEU A 100 27.93 10.29 9.53
N ILE A 101 28.74 9.80 8.60
CA ILE A 101 28.32 9.03 7.44
C ILE A 101 28.26 7.56 7.83
N ARG A 102 27.16 6.90 7.49
CA ARG A 102 27.07 5.44 7.53
C ARG A 102 26.49 4.96 6.20
N GLY A 103 27.11 3.93 5.61
CA GLY A 103 26.52 3.16 4.52
C GLY A 103 25.49 2.17 5.04
N LEU A 104 24.38 2.01 4.34
CA LEU A 104 23.26 1.19 4.79
C LEU A 104 22.95 0.14 3.73
N ARG A 105 23.42 -1.09 3.95
CA ARG A 105 23.29 -2.17 2.98
C ARG A 105 22.06 -3.05 3.25
N ALA A 106 21.94 -3.53 4.50
CA ALA A 106 20.93 -4.51 4.83
C ALA A 106 19.93 -3.95 5.84
N VAL A 107 18.76 -4.61 5.93
CA VAL A 107 17.71 -4.29 6.88
C VAL A 107 18.20 -4.61 8.30
N ALA A 108 19.00 -5.67 8.43
CA ALA A 108 19.51 -6.07 9.73
C ALA A 108 20.39 -4.97 10.32
N ASP A 109 21.15 -4.28 9.46
CA ASP A 109 22.08 -3.24 9.89
C ASP A 109 21.34 -1.96 10.32
N PHE A 110 20.22 -1.68 9.64
CA PHE A 110 19.47 -0.44 9.86
C PHE A 110 19.06 -0.33 11.33
N GLU A 111 18.59 -1.44 11.91
CA GLU A 111 18.10 -1.45 13.29
C GLU A 111 19.23 -1.02 14.21
N TYR A 112 20.40 -1.64 14.05
CA TYR A 112 21.55 -1.40 14.91
C TYR A 112 22.02 0.03 14.76
N GLU A 113 22.03 0.52 13.52
CA GLU A 113 22.52 1.86 13.20
C GLU A 113 21.56 2.92 13.75
N MET A 114 20.25 2.65 13.76
CA MET A 114 19.29 3.58 14.35
C MET A 114 19.50 3.68 15.86
N GLN A 115 19.78 2.53 16.50
CA GLN A 115 20.05 2.46 17.92
C GLN A 115 21.30 3.29 18.25
N LEU A 116 22.36 3.07 17.46
CA LEU A 116 23.62 3.79 17.65
C LEU A 116 23.42 5.29 17.44
N ALA A 117 22.61 5.66 16.45
CA ALA A 117 22.39 7.06 16.14
C ALA A 117 21.69 7.75 17.30
N HIS A 118 20.73 7.06 17.93
CA HIS A 118 20.02 7.62 19.09
C HIS A 118 20.97 7.79 20.28
N MET A 119 21.91 6.85 20.45
CA MET A 119 22.89 6.96 21.51
C MET A 119 23.85 8.12 21.22
N ASN A 120 24.37 8.18 19.99
CA ASN A 120 25.23 9.29 19.59
C ASN A 120 24.51 10.63 19.72
N ARG A 121 23.18 10.69 19.48
CA ARG A 121 22.44 11.94 19.67
C ARG A 121 22.49 12.35 21.14
N HIS A 122 22.43 11.35 22.04
CA HIS A 122 22.53 11.58 23.49
C HIS A 122 23.94 12.07 23.87
N LEU A 123 24.97 11.43 23.31
CA LEU A 123 26.35 11.74 23.62
C LEU A 123 26.79 13.07 22.99
N MET A 124 26.41 13.28 21.73
CA MET A 124 26.83 14.45 20.97
C MET A 124 25.65 14.97 20.15
N PRO A 125 24.78 15.83 20.73
CA PRO A 125 23.60 16.33 20.02
C PRO A 125 23.92 17.09 18.72
N GLU A 126 25.13 17.64 18.62
CA GLU A 126 25.53 18.50 17.52
C GLU A 126 26.12 17.69 16.37
N LEU A 127 26.19 16.35 16.54
CA LEU A 127 26.62 15.46 15.47
C LEU A 127 25.38 14.91 14.77
N GLU A 128 25.29 15.12 13.44
CA GLU A 128 24.17 14.59 12.67
C GLU A 128 24.61 13.32 11.96
N SER A 129 23.87 12.22 12.17
CA SER A 129 24.12 10.97 11.45
C SER A 129 23.38 11.00 10.12
N VAL A 130 24.07 10.62 9.04
CA VAL A 130 23.55 10.64 7.69
C VAL A 130 23.78 9.28 7.03
N PHE A 131 22.80 8.79 6.27
CA PHE A 131 22.81 7.44 5.75
C PHE A 131 22.80 7.47 4.22
N LEU A 132 23.67 6.67 3.60
CA LEU A 132 23.70 6.48 2.15
C LEU A 132 23.47 4.99 1.85
N MET A 133 22.66 4.72 0.83
CA MET A 133 22.49 3.39 0.29
C MET A 133 23.70 3.10 -0.60
N PRO A 134 24.19 1.85 -0.66
CA PRO A 134 25.27 1.53 -1.60
C PRO A 134 24.69 1.49 -3.01
N SER A 135 25.56 1.70 -4.01
N SER A 135 25.57 1.71 -4.01
CA SER A 135 25.18 1.57 -5.40
CA SER A 135 25.20 1.55 -5.41
C SER A 135 24.72 0.14 -5.66
C SER A 135 24.71 0.13 -5.65
N LYS A 136 23.90 -0.05 -6.69
CA LYS A 136 23.34 -1.37 -7.01
C LYS A 136 24.49 -2.38 -7.25
N GLU A 137 25.54 -1.91 -7.92
CA GLU A 137 26.73 -2.69 -8.24
C GLU A 137 27.37 -3.32 -7.00
N TRP A 138 27.38 -2.60 -5.87
CA TRP A 138 28.10 -3.00 -4.66
C TRP A 138 27.16 -3.45 -3.55
N SER A 139 25.89 -3.68 -3.89
CA SER A 139 24.84 -3.79 -2.88
C SER A 139 24.93 -5.09 -2.10
N PHE A 140 25.62 -6.11 -2.63
CA PHE A 140 25.67 -7.40 -1.96
C PHE A 140 27.07 -7.66 -1.40
N ILE A 141 28.05 -6.79 -1.65
CA ILE A 141 29.40 -7.05 -1.19
C ILE A 141 29.60 -6.50 0.21
N SER A 142 30.41 -7.25 0.97
CA SER A 142 30.92 -6.82 2.26
C SER A 142 32.38 -7.28 2.36
N SER A 143 33.14 -6.66 3.27
CA SER A 143 34.49 -7.14 3.53
C SER A 143 34.45 -8.64 3.83
N SER A 144 33.61 -9.03 4.80
CA SER A 144 33.50 -10.41 5.26
C SER A 144 33.24 -11.39 4.10
N LEU A 145 32.36 -11.01 3.18
CA LEU A 145 32.00 -11.88 2.07
C LEU A 145 33.17 -12.01 1.11
N VAL A 146 33.80 -10.88 0.77
CA VAL A 146 34.92 -10.90 -0.15
C VAL A 146 36.05 -11.78 0.41
N LYS A 147 36.27 -11.72 1.73
CA LYS A 147 37.31 -12.49 2.38
C LYS A 147 37.00 -13.99 2.26
N GLU A 148 35.75 -14.38 2.55
CA GLU A 148 35.35 -15.78 2.58
C GLU A 148 35.44 -16.36 1.16
N VAL A 149 35.01 -15.59 0.16
CA VAL A 149 35.14 -16.00 -1.22
C VAL A 149 36.61 -16.19 -1.59
N ALA A 150 37.45 -15.21 -1.23
CA ALA A 150 38.86 -15.22 -1.59
C ALA A 150 39.61 -16.36 -0.90
N ARG A 151 39.17 -16.71 0.32
CA ARG A 151 39.79 -17.77 1.10
C ARG A 151 39.69 -19.11 0.38
N HIS A 152 38.67 -19.27 -0.47
CA HIS A 152 38.47 -20.49 -1.24
C HIS A 152 38.58 -20.14 -2.73
N ALA A 153 39.50 -19.22 -3.05
CA ALA A 153 40.02 -19.00 -4.38
C ALA A 153 38.97 -18.46 -5.36
N GLY A 154 37.86 -17.90 -4.86
CA GLY A 154 36.90 -17.23 -5.71
C GLY A 154 37.47 -15.91 -6.24
N ASP A 155 37.06 -15.52 -7.45
CA ASP A 155 37.53 -14.30 -8.09
C ASP A 155 36.82 -13.09 -7.47
N VAL A 156 37.60 -12.17 -6.89
CA VAL A 156 37.07 -10.97 -6.26
C VAL A 156 37.75 -9.73 -6.82
N THR A 157 38.30 -9.83 -8.03
CA THR A 157 39.05 -8.73 -8.62
C THR A 157 38.13 -7.56 -8.91
N HIS A 158 36.81 -7.82 -9.05
CA HIS A 158 35.84 -6.81 -9.43
C HIS A 158 35.41 -5.97 -8.21
N PHE A 159 35.69 -6.44 -7.00
CA PHE A 159 35.13 -5.87 -5.78
C PHE A 159 36.15 -5.05 -4.99
N LEU A 160 37.44 -5.11 -5.36
CA LEU A 160 38.50 -4.47 -4.59
C LEU A 160 39.36 -3.61 -5.50
N PRO A 161 39.96 -2.50 -5.02
CA PRO A 161 41.02 -1.82 -5.75
C PRO A 161 42.26 -2.72 -5.80
N ALA A 162 43.11 -2.51 -6.80
CA ALA A 162 44.25 -3.39 -7.09
C ALA A 162 45.15 -3.56 -5.87
N ASN A 163 45.43 -2.46 -5.14
CA ASN A 163 46.37 -2.51 -4.04
C ASN A 163 45.83 -3.43 -2.93
N VAL A 164 44.50 -3.39 -2.72
CA VAL A 164 43.87 -4.19 -1.69
C VAL A 164 43.83 -5.65 -2.15
N HIS A 165 43.57 -5.86 -3.45
CA HIS A 165 43.50 -7.19 -4.00
C HIS A 165 44.85 -7.91 -3.78
N GLN A 166 45.95 -7.23 -4.13
CA GLN A 166 47.28 -7.80 -3.99
C GLN A 166 47.55 -8.15 -2.54
N ALA A 167 47.20 -7.24 -1.61
CA ALA A 167 47.47 -7.44 -0.19
C ALA A 167 46.68 -8.62 0.35
N LEU A 168 45.44 -8.80 -0.13
CA LEU A 168 44.57 -9.87 0.33
C LEU A 168 45.14 -11.21 -0.11
N MET A 169 45.52 -11.29 -1.41
CA MET A 169 46.15 -12.49 -1.96
C MET A 169 47.37 -12.90 -1.14
N GLU A 170 48.18 -11.92 -0.71
CA GLU A 170 49.37 -12.18 0.09
C GLU A 170 48.98 -12.73 1.47
N LYS A 171 47.89 -12.24 2.06
CA LYS A 171 47.47 -12.68 3.39
C LYS A 171 47.02 -14.14 3.35
N LEU A 172 46.58 -14.62 2.17
CA LEU A 172 46.01 -15.95 2.05
C LEU A 172 46.99 -16.94 1.42
N LYS A 173 48.25 -16.54 1.22
CA LYS A 173 49.27 -17.39 0.66
C LYS A 173 50.46 -17.47 1.62
N MET B 1 39.85 28.14 -13.85
CA MET B 1 40.37 27.38 -15.03
C MET B 1 39.24 27.11 -16.03
N ALA B 2 38.35 28.10 -16.21
CA ALA B 2 37.08 27.92 -16.90
C ALA B 2 37.25 27.69 -18.41
N SER B 3 38.29 28.29 -19.02
CA SER B 3 38.58 28.16 -20.44
C SER B 3 38.80 26.70 -20.83
N MET B 4 39.26 25.90 -19.86
CA MET B 4 39.69 24.52 -20.07
C MET B 4 38.59 23.55 -19.65
N THR B 5 37.95 23.81 -18.49
CA THR B 5 36.92 22.88 -18.01
C THR B 5 35.84 23.62 -17.22
N GLY B 6 34.60 23.11 -17.31
CA GLY B 6 33.51 23.53 -16.43
C GLY B 6 33.56 22.82 -15.07
N GLY B 7 34.25 21.65 -15.05
CA GLY B 7 34.44 20.86 -13.86
C GLY B 7 33.39 19.76 -13.71
N GLN B 8 33.70 18.75 -12.91
CA GLN B 8 32.84 17.60 -12.70
C GLN B 8 32.41 17.56 -11.24
N GLN B 9 31.44 16.68 -10.95
CA GLN B 9 30.81 16.58 -9.64
C GLN B 9 31.68 15.76 -8.68
N MET B 10 32.30 14.69 -9.18
CA MET B 10 32.93 13.70 -8.31
C MET B 10 34.47 13.72 -8.44
N GLY B 11 35.14 13.56 -7.29
CA GLY B 11 36.58 13.38 -7.23
C GLY B 11 37.36 14.70 -7.18
N ARG B 12 36.65 15.84 -7.05
CA ARG B 12 37.26 17.16 -7.17
C ARG B 12 36.92 18.02 -5.96
N GLY B 13 36.50 17.37 -4.86
CA GLY B 13 36.18 18.06 -3.62
C GLY B 13 34.68 18.37 -3.47
N SER B 14 34.37 19.36 -2.62
CA SER B 14 33.00 19.66 -2.24
C SER B 14 32.36 20.65 -3.20
N MET B 15 31.08 20.42 -3.46
CA MET B 15 30.30 21.16 -4.44
C MET B 15 29.17 21.83 -3.70
N SER B 16 28.56 22.84 -4.33
CA SER B 16 27.33 23.46 -3.85
C SER B 16 26.21 22.42 -3.77
N THR B 17 25.40 22.48 -2.69
CA THR B 17 24.40 21.46 -2.45
C THR B 17 23.01 22.10 -2.43
N LYS B 18 22.11 21.51 -3.19
CA LYS B 18 20.70 21.88 -3.21
C LYS B 18 19.88 20.59 -3.08
N ALA B 19 19.08 20.50 -2.03
CA ALA B 19 18.35 19.30 -1.68
C ALA B 19 16.86 19.53 -1.90
N ILE B 20 16.16 18.48 -2.36
CA ILE B 20 14.72 18.43 -2.30
C ILE B 20 14.33 17.43 -1.20
N TYR B 21 13.31 17.81 -0.41
CA TYR B 21 12.66 16.93 0.53
C TYR B 21 11.20 16.77 0.14
N PRO B 22 10.87 15.75 -0.70
CA PRO B 22 9.50 15.52 -1.13
C PRO B 22 8.62 14.74 -0.18
N GLY B 23 7.30 14.96 -0.30
CA GLY B 23 6.30 14.32 0.53
C GLY B 23 4.91 14.87 0.22
N THR B 24 3.89 14.32 0.88
CA THR B 24 2.53 14.84 0.79
C THR B 24 2.30 15.92 1.86
N PHE B 25 2.96 15.79 3.02
CA PHE B 25 2.92 16.78 4.08
C PHE B 25 1.46 17.24 4.32
N ASP B 26 0.64 16.27 4.76
CA ASP B 26 -0.80 16.42 4.87
C ASP B 26 -1.27 16.10 6.28
N PRO B 27 -1.06 16.99 7.29
CA PRO B 27 -0.20 18.16 7.17
C PRO B 27 1.23 17.94 7.67
N ILE B 28 2.09 18.97 7.49
CA ILE B 28 3.46 18.92 8.00
C ILE B 28 3.41 18.74 9.52
N THR B 29 4.29 17.87 10.05
CA THR B 29 4.36 17.62 11.50
C THR B 29 5.73 18.07 12.01
N ASN B 30 5.90 17.97 13.34
CA ASN B 30 7.16 18.29 13.99
C ASN B 30 8.24 17.33 13.51
N GLY B 31 7.83 16.12 13.07
CA GLY B 31 8.76 15.14 12.55
C GLY B 31 9.39 15.62 11.26
N HIS B 32 8.55 16.13 10.36
CA HIS B 32 9.00 16.70 9.10
C HIS B 32 9.89 17.92 9.34
N ILE B 33 9.50 18.75 10.29
CA ILE B 33 10.20 19.98 10.62
C ILE B 33 11.61 19.64 11.09
N ASP B 34 11.71 18.60 11.93
CA ASP B 34 12.99 18.12 12.43
C ASP B 34 13.88 17.64 11.28
N ILE B 35 13.34 16.83 10.38
CA ILE B 35 14.11 16.32 9.25
C ILE B 35 14.65 17.49 8.43
N ILE B 36 13.80 18.45 8.09
CA ILE B 36 14.23 19.50 7.15
C ILE B 36 15.20 20.46 7.86
N THR B 37 15.03 20.66 9.17
CA THR B 37 15.90 21.51 9.95
C THR B 37 17.31 20.93 9.92
N ARG B 38 17.40 19.61 10.10
CA ARG B 38 18.67 18.90 10.10
C ARG B 38 19.32 18.95 8.72
N ALA B 39 18.51 18.77 7.67
CA ALA B 39 19.04 18.79 6.31
C ALA B 39 19.53 20.19 5.96
N ALA B 40 18.79 21.21 6.42
CA ALA B 40 19.10 22.60 6.12
C ALA B 40 20.38 23.04 6.83
N SER B 41 20.78 22.32 7.88
CA SER B 41 22.02 22.61 8.60
C SER B 41 23.24 22.07 7.85
N MET B 42 23.04 21.10 6.94
CA MET B 42 24.17 20.44 6.31
C MET B 42 24.22 20.68 4.80
N PHE B 43 23.16 21.23 4.21
CA PHE B 43 23.13 21.51 2.77
C PHE B 43 22.86 22.99 2.58
N ASP B 44 23.37 23.55 1.46
CA ASP B 44 23.32 24.97 1.21
C ASP B 44 21.87 25.44 1.13
N ARG B 45 21.06 24.68 0.38
CA ARG B 45 19.66 25.02 0.15
C ARG B 45 18.81 23.75 0.20
N VAL B 46 17.56 23.88 0.65
CA VAL B 46 16.63 22.78 0.74
C VAL B 46 15.26 23.24 0.25
N ILE B 47 14.61 22.43 -0.61
CA ILE B 47 13.24 22.67 -1.02
C ILE B 47 12.35 21.60 -0.41
N LEU B 48 11.34 22.04 0.34
CA LEU B 48 10.25 21.16 0.73
C LEU B 48 9.31 21.01 -0.45
N ALA B 49 9.33 19.85 -1.13
CA ALA B 49 8.53 19.61 -2.31
C ALA B 49 7.23 18.90 -1.95
N ILE B 50 6.10 19.61 -2.03
CA ILE B 50 4.80 19.04 -1.65
C ILE B 50 4.07 18.49 -2.86
N ALA B 51 3.80 17.19 -2.85
CA ALA B 51 3.14 16.51 -3.96
C ALA B 51 1.71 17.03 -4.14
N ALA B 52 1.40 17.51 -5.35
CA ALA B 52 0.10 18.09 -5.67
C ALA B 52 -1.04 17.07 -5.67
N SER B 53 -0.85 15.95 -6.35
CA SER B 53 -1.95 15.01 -6.62
C SER B 53 -1.58 13.62 -6.09
N PRO B 54 -1.49 13.41 -4.76
CA PRO B 54 -1.22 12.07 -4.23
C PRO B 54 -2.35 11.10 -4.53
N SER B 55 -2.04 9.81 -4.54
CA SER B 55 -3.00 8.78 -4.93
C SER B 55 -4.16 8.70 -3.94
N LYS B 56 -3.86 8.89 -2.65
CA LYS B 56 -4.88 8.97 -1.61
C LYS B 56 -5.25 10.44 -1.40
N LYS B 57 -6.55 10.76 -1.49
CA LYS B 57 -7.02 12.14 -1.45
C LYS B 57 -6.64 12.78 -0.11
N PRO B 58 -5.89 13.90 -0.11
CA PRO B 58 -5.43 14.50 1.14
C PRO B 58 -6.51 15.30 1.86
N MET B 59 -6.34 15.45 3.18
CA MET B 59 -7.25 16.22 4.01
C MET B 59 -7.11 17.70 3.66
N PHE B 60 -5.87 18.18 3.54
CA PHE B 60 -5.59 19.54 3.09
C PHE B 60 -5.27 19.51 1.60
N ASP B 61 -5.71 20.54 0.87
CA ASP B 61 -5.34 20.66 -0.54
C ASP B 61 -3.92 21.22 -0.66
N LEU B 62 -3.40 21.26 -1.88
CA LEU B 62 -2.04 21.70 -2.13
C LEU B 62 -1.80 23.12 -1.60
N GLU B 63 -2.76 24.00 -1.86
CA GLU B 63 -2.61 25.40 -1.47
C GLU B 63 -2.46 25.47 0.05
N GLU B 64 -3.29 24.70 0.77
CA GLU B 64 -3.30 24.72 2.24
C GLU B 64 -2.00 24.12 2.78
N ARG B 65 -1.58 22.98 2.20
CA ARG B 65 -0.37 22.29 2.62
C ARG B 65 0.83 23.21 2.44
N VAL B 66 0.93 23.83 1.25
CA VAL B 66 2.02 24.73 0.94
C VAL B 66 2.02 25.93 1.89
N ALA B 67 0.82 26.45 2.19
CA ALA B 67 0.71 27.63 3.04
C ALA B 67 1.15 27.32 4.47
N LEU B 68 0.67 26.18 4.99
CA LEU B 68 1.00 25.74 6.33
C LEU B 68 2.51 25.49 6.49
N ALA B 69 3.10 24.79 5.51
CA ALA B 69 4.51 24.44 5.54
C ALA B 69 5.37 25.69 5.47
N THR B 70 4.99 26.64 4.60
CA THR B 70 5.73 27.89 4.43
C THR B 70 5.83 28.61 5.78
N THR B 71 4.68 28.71 6.48
CA THR B 71 4.62 29.38 7.78
C THR B 71 5.49 28.64 8.80
N ALA B 72 5.44 27.31 8.80
CA ALA B 72 6.11 26.51 9.82
C ALA B 72 7.64 26.54 9.62
N LEU B 73 8.09 26.85 8.39
CA LEU B 73 9.50 26.75 8.05
C LEU B 73 10.12 28.11 7.72
N GLN B 74 9.41 29.21 8.04
CA GLN B 74 9.84 30.54 7.62
C GLN B 74 11.11 30.96 8.37
N HIS B 75 11.31 30.41 9.57
CA HIS B 75 12.45 30.70 10.42
C HIS B 75 13.76 30.09 9.91
N LEU B 76 13.67 29.23 8.88
CA LEU B 76 14.86 28.61 8.28
C LEU B 76 15.16 29.36 6.99
N PRO B 77 16.30 30.10 6.92
CA PRO B 77 16.54 31.01 5.79
C PRO B 77 16.86 30.33 4.46
N ASN B 78 17.40 29.11 4.51
CA ASN B 78 17.84 28.40 3.31
C ASN B 78 16.81 27.35 2.87
N VAL B 79 15.56 27.47 3.34
CA VAL B 79 14.51 26.52 3.01
C VAL B 79 13.43 27.23 2.21
N GLU B 80 12.97 26.60 1.12
CA GLU B 80 11.84 27.10 0.35
C GLU B 80 10.79 26.00 0.16
N VAL B 81 9.51 26.37 0.16
CA VAL B 81 8.41 25.43 0.02
C VAL B 81 7.80 25.59 -1.38
N MET B 82 7.63 24.46 -2.10
CA MET B 82 6.99 24.43 -3.40
C MET B 82 6.10 23.20 -3.54
N GLY B 83 5.06 23.31 -4.37
CA GLY B 83 4.28 22.15 -4.81
C GLY B 83 4.88 21.60 -6.11
N PHE B 84 4.62 20.33 -6.44
CA PHE B 84 5.11 19.73 -7.68
C PHE B 84 4.16 18.59 -8.07
N SER B 85 4.03 18.35 -9.38
CA SER B 85 3.15 17.32 -9.90
C SER B 85 3.89 16.42 -10.88
N ASP B 86 5.02 15.88 -10.44
CA ASP B 86 5.93 15.18 -11.31
C ASP B 86 6.63 14.06 -10.54
N LEU B 87 7.47 13.29 -11.22
CA LEU B 87 8.39 12.40 -10.52
C LEU B 87 9.33 13.26 -9.71
N MET B 88 9.72 12.77 -8.53
CA MET B 88 10.67 13.50 -7.70
C MET B 88 11.99 13.73 -8.47
N ALA B 89 12.35 12.84 -9.39
CA ALA B 89 13.58 13.00 -10.13
C ALA B 89 13.45 14.12 -11.17
N ASN B 90 12.27 14.25 -11.77
CA ASN B 90 12.05 15.25 -12.81
C ASN B 90 11.99 16.64 -12.19
N PHE B 91 11.40 16.72 -10.98
CA PHE B 91 11.35 17.97 -10.25
C PHE B 91 12.76 18.37 -9.83
N ALA B 92 13.53 17.40 -9.33
CA ALA B 92 14.91 17.62 -8.94
C ALA B 92 15.72 18.19 -10.12
N ARG B 93 15.54 17.61 -11.30
CA ARG B 93 16.26 18.05 -12.48
C ARG B 93 15.84 19.48 -12.83
N ALA B 94 14.52 19.72 -12.80
CA ALA B 94 13.98 21.05 -13.07
C ALA B 94 14.55 22.11 -12.11
N GLN B 95 14.74 21.73 -10.83
CA GLN B 95 15.18 22.65 -9.80
C GLN B 95 16.69 22.69 -9.68
N GLN B 96 17.39 21.91 -10.50
CA GLN B 96 18.85 21.85 -10.45
C GLN B 96 19.31 21.41 -9.06
N ALA B 97 18.55 20.49 -8.45
CA ALA B 97 18.90 19.88 -7.19
C ALA B 97 19.82 18.69 -7.45
N ASN B 98 20.72 18.41 -6.51
CA ASN B 98 21.66 17.28 -6.61
C ASN B 98 21.54 16.34 -5.41
N ILE B 99 20.62 16.64 -4.48
CA ILE B 99 20.42 15.83 -3.30
C ILE B 99 18.92 15.59 -3.10
N LEU B 100 18.58 14.37 -2.70
CA LEU B 100 17.21 13.99 -2.36
C LEU B 100 17.18 13.50 -0.92
N ILE B 101 16.43 14.24 -0.07
CA ILE B 101 16.27 13.90 1.33
C ILE B 101 15.11 12.93 1.48
N ARG B 102 15.33 11.83 2.21
CA ARG B 102 14.30 10.86 2.53
C ARG B 102 14.39 10.57 4.03
N GLY B 103 13.25 10.63 4.73
CA GLY B 103 13.14 10.18 6.10
C GLY B 103 13.05 8.65 6.16
N LEU B 104 13.72 8.05 7.15
CA LEU B 104 13.77 6.61 7.31
C LEU B 104 13.26 6.28 8.71
N ARG B 105 11.98 5.91 8.82
CA ARG B 105 11.32 5.66 10.10
C ARG B 105 11.32 4.17 10.42
N ALA B 106 10.85 3.34 9.49
CA ALA B 106 10.57 1.94 9.77
C ALA B 106 11.47 1.02 8.94
N VAL B 107 11.70 -0.17 9.51
CA VAL B 107 12.44 -1.25 8.88
C VAL B 107 11.68 -1.77 7.67
N ALA B 108 10.34 -1.76 7.76
CA ALA B 108 9.48 -2.20 6.67
C ALA B 108 9.75 -1.39 5.40
N ASP B 109 10.01 -0.10 5.56
CA ASP B 109 10.18 0.84 4.47
C ASP B 109 11.55 0.70 3.80
N PHE B 110 12.56 0.19 4.50
CA PHE B 110 13.94 0.23 4.03
C PHE B 110 14.09 -0.35 2.61
N GLU B 111 13.45 -1.50 2.40
CA GLU B 111 13.54 -2.20 1.12
C GLU B 111 12.98 -1.30 0.03
N TYR B 112 11.81 -0.70 0.24
CA TYR B 112 11.14 0.16 -0.71
C TYR B 112 12.02 1.37 -1.02
N GLU B 113 12.64 1.94 0.02
CA GLU B 113 13.48 3.13 -0.10
C GLU B 113 14.73 2.86 -0.93
N MET B 114 15.31 1.65 -0.73
CA MET B 114 16.48 1.26 -1.50
C MET B 114 16.12 1.10 -2.98
N GLN B 115 14.94 0.51 -3.23
CA GLN B 115 14.44 0.31 -4.59
C GLN B 115 14.19 1.65 -5.27
N LEU B 116 13.58 2.60 -4.56
CA LEU B 116 13.32 3.94 -5.09
C LEU B 116 14.64 4.65 -5.39
N ALA B 117 15.63 4.47 -4.52
CA ALA B 117 16.91 5.13 -4.71
C ALA B 117 17.59 4.61 -5.99
N HIS B 118 17.47 3.30 -6.24
CA HIS B 118 18.02 2.67 -7.43
C HIS B 118 17.31 3.18 -8.68
N MET B 119 15.98 3.39 -8.60
CA MET B 119 15.22 3.94 -9.71
C MET B 119 15.65 5.37 -9.97
N ASN B 120 15.73 6.20 -8.91
CA ASN B 120 16.14 7.58 -9.06
C ASN B 120 17.56 7.66 -9.61
N ARG B 121 18.43 6.71 -9.25
CA ARG B 121 19.80 6.67 -9.79
C ARG B 121 19.75 6.44 -11.30
N HIS B 122 18.80 5.60 -11.75
CA HIS B 122 18.60 5.30 -13.16
C HIS B 122 18.08 6.53 -13.89
N LEU B 123 17.11 7.23 -13.29
CA LEU B 123 16.48 8.38 -13.92
C LEU B 123 17.43 9.58 -13.93
N MET B 124 18.09 9.84 -12.79
CA MET B 124 18.95 10.99 -12.63
C MET B 124 20.22 10.58 -11.89
N PRO B 125 21.26 10.12 -12.60
CA PRO B 125 22.50 9.64 -11.97
C PRO B 125 23.21 10.65 -11.09
N GLU B 126 22.98 11.93 -11.35
CA GLU B 126 23.67 13.03 -10.67
C GLU B 126 22.94 13.41 -9.38
N LEU B 127 21.78 12.79 -9.11
CA LEU B 127 21.02 13.01 -7.88
C LEU B 127 21.39 11.94 -6.85
N GLU B 128 21.85 12.39 -5.69
N GLU B 128 21.85 12.39 -5.69
CA GLU B 128 22.21 11.51 -4.59
CA GLU B 128 22.19 11.51 -4.59
C GLU B 128 21.06 11.49 -3.57
C GLU B 128 21.04 11.48 -3.58
N SER B 129 20.59 10.28 -3.22
CA SER B 129 19.62 10.13 -2.15
C SER B 129 20.34 10.05 -0.81
N VAL B 130 19.83 10.82 0.16
CA VAL B 130 20.39 10.90 1.49
C VAL B 130 19.29 10.60 2.51
N PHE B 131 19.62 9.79 3.52
CA PHE B 131 18.63 9.23 4.42
C PHE B 131 18.87 9.74 5.83
N LEU B 132 17.81 10.30 6.45
CA LEU B 132 17.87 10.75 7.83
C LEU B 132 16.85 9.94 8.65
N MET B 133 17.32 9.47 9.82
CA MET B 133 16.48 8.87 10.82
C MET B 133 15.72 9.98 11.53
N PRO B 134 14.45 9.80 11.92
CA PRO B 134 13.74 10.82 12.68
C PRO B 134 14.29 10.81 14.11
N SER B 135 14.16 11.96 14.79
N SER B 135 14.17 11.96 14.80
CA SER B 135 14.50 12.04 16.20
CA SER B 135 14.51 12.03 16.21
C SER B 135 13.64 11.06 16.99
C SER B 135 13.64 11.06 16.99
N LYS B 136 14.13 10.62 18.14
CA LYS B 136 13.42 9.65 18.98
C LYS B 136 12.02 10.20 19.35
N GLU B 137 11.95 11.50 19.62
CA GLU B 137 10.73 12.19 20.00
C GLU B 137 9.63 12.02 18.95
N TRP B 138 10.00 12.01 17.66
CA TRP B 138 9.04 12.04 16.55
C TRP B 138 8.95 10.70 15.84
N SER B 139 9.54 9.65 16.42
CA SER B 139 9.80 8.41 15.70
C SER B 139 8.51 7.62 15.44
N PHE B 140 7.44 7.89 16.21
CA PHE B 140 6.22 7.12 16.09
C PHE B 140 5.10 7.95 15.46
N ILE B 141 5.34 9.24 15.21
CA ILE B 141 4.29 10.08 14.65
C ILE B 141 4.33 10.01 13.12
N SER B 142 3.15 10.09 12.55
CA SER B 142 2.95 10.32 11.13
C SER B 142 1.77 11.27 10.98
N SER B 143 1.69 11.92 9.81
CA SER B 143 0.54 12.74 9.50
C SER B 143 -0.75 11.95 9.75
N SER B 144 -0.84 10.76 9.10
CA SER B 144 -2.01 9.91 9.17
C SER B 144 -2.46 9.64 10.61
N LEU B 145 -1.50 9.33 11.48
CA LEU B 145 -1.82 8.96 12.84
C LEU B 145 -2.30 10.17 13.61
N VAL B 146 -1.61 11.31 13.45
CA VAL B 146 -1.99 12.53 14.14
C VAL B 146 -3.43 12.92 13.76
N LYS B 147 -3.79 12.74 12.49
CA LYS B 147 -5.13 13.09 12.01
C LYS B 147 -6.19 12.21 12.68
N GLU B 148 -5.92 10.90 12.72
CA GLU B 148 -6.87 9.95 13.24
C GLU B 148 -7.08 10.14 14.73
N VAL B 149 -5.99 10.42 15.45
CA VAL B 149 -6.07 10.74 16.87
C VAL B 149 -6.90 12.00 17.08
N ALA B 150 -6.62 13.03 16.28
CA ALA B 150 -7.29 14.33 16.39
C ALA B 150 -8.78 14.22 16.08
N ARG B 151 -9.13 13.33 15.15
CA ARG B 151 -10.51 13.12 14.72
C ARG B 151 -11.38 12.67 15.89
N HIS B 152 -10.76 11.98 16.87
CA HIS B 152 -11.45 11.51 18.04
C HIS B 152 -10.90 12.21 19.27
N ALA B 153 -10.53 13.48 19.12
CA ALA B 153 -10.29 14.41 20.21
C ALA B 153 -9.08 14.03 21.08
N GLY B 154 -8.18 13.17 20.56
CA GLY B 154 -6.91 12.94 21.24
C GLY B 154 -6.01 14.18 21.17
N ASP B 155 -5.17 14.38 22.18
CA ASP B 155 -4.34 15.56 22.23
C ASP B 155 -3.11 15.39 21.35
N VAL B 156 -2.94 16.26 20.35
CA VAL B 156 -1.82 16.19 19.42
C VAL B 156 -1.08 17.53 19.38
N THR B 157 -1.21 18.34 20.44
CA THR B 157 -0.61 19.67 20.47
C THR B 157 0.92 19.54 20.47
N HIS B 158 1.44 18.40 20.92
CA HIS B 158 2.88 18.19 21.07
C HIS B 158 3.55 17.80 19.75
N PHE B 159 2.74 17.42 18.75
CA PHE B 159 3.25 16.83 17.51
C PHE B 159 3.18 17.80 16.33
N LEU B 160 2.53 18.95 16.48
CA LEU B 160 2.30 19.87 15.38
C LEU B 160 2.73 21.28 15.77
N PRO B 161 3.19 22.11 14.82
CA PRO B 161 3.31 23.55 15.06
C PRO B 161 1.90 24.13 15.22
N ALA B 162 1.82 25.27 15.92
CA ALA B 162 0.55 25.86 16.34
C ALA B 162 -0.36 26.14 15.13
N ASN B 163 0.23 26.65 14.04
CA ASN B 163 -0.56 27.03 12.87
C ASN B 163 -1.24 25.81 12.29
N VAL B 164 -0.54 24.66 12.29
CA VAL B 164 -1.06 23.43 11.73
C VAL B 164 -2.11 22.87 12.67
N HIS B 165 -1.87 22.99 13.97
CA HIS B 165 -2.81 22.48 14.97
C HIS B 165 -4.15 23.19 14.79
N GLN B 166 -4.14 24.51 14.69
CA GLN B 166 -5.36 25.29 14.52
C GLN B 166 -6.10 24.87 13.25
N ALA B 167 -5.36 24.71 12.16
CA ALA B 167 -5.96 24.36 10.87
C ALA B 167 -6.60 22.98 10.92
N LEU B 168 -5.96 22.05 11.64
CA LEU B 168 -6.44 20.69 11.75
C LEU B 168 -7.75 20.66 12.53
N MET B 169 -7.77 21.38 13.67
CA MET B 169 -8.96 21.51 14.50
C MET B 169 -10.14 22.04 13.67
N GLU B 170 -9.87 23.01 12.79
CA GLU B 170 -10.91 23.56 11.93
C GLU B 170 -11.43 22.52 10.94
N LYS B 171 -10.55 21.66 10.41
CA LYS B 171 -10.96 20.64 9.47
C LYS B 171 -11.90 19.62 10.12
N LEU B 172 -11.82 19.46 11.44
CA LEU B 172 -12.49 18.39 12.17
C LEU B 172 -13.68 18.91 12.96
N LYS B 173 -14.45 19.82 12.34
CA LYS B 173 -15.70 20.35 12.91
C LYS B 173 -15.36 21.11 14.20
N MET C 15 18.05 -31.14 -21.94
CA MET C 15 18.90 -30.98 -20.72
C MET C 15 18.13 -31.42 -19.46
N SER C 16 18.79 -32.23 -18.62
CA SER C 16 18.20 -32.61 -17.35
C SER C 16 18.39 -31.49 -16.33
N THR C 17 17.85 -31.73 -15.13
CA THR C 17 18.04 -30.83 -13.99
C THR C 17 18.78 -31.59 -12.89
N LYS C 18 19.83 -30.94 -12.35
CA LYS C 18 20.60 -31.52 -11.26
C LYS C 18 20.82 -30.42 -10.22
N ALA C 19 20.30 -30.69 -9.00
CA ALA C 19 20.28 -29.70 -7.93
C ALA C 19 21.21 -30.13 -6.81
N ILE C 20 21.88 -29.12 -6.21
CA ILE C 20 22.59 -29.32 -4.96
C ILE C 20 21.81 -28.63 -3.85
N TYR C 21 21.71 -29.34 -2.71
CA TYR C 21 21.14 -28.79 -1.50
C TYR C 21 22.22 -28.79 -0.42
N PRO C 22 23.00 -27.69 -0.29
CA PRO C 22 24.08 -27.62 0.69
C PRO C 22 23.66 -27.23 2.10
N GLY C 23 24.47 -27.64 3.08
CA GLY C 23 24.25 -27.37 4.50
C GLY C 23 25.30 -28.07 5.36
N THR C 24 25.21 -27.88 6.68
CA THR C 24 26.05 -28.60 7.63
C THR C 24 25.38 -29.90 8.06
N PHE C 25 24.04 -29.91 8.12
CA PHE C 25 23.26 -31.11 8.40
C PHE C 25 23.85 -31.85 9.61
N ASP C 26 23.84 -31.18 10.77
CA ASP C 26 24.50 -31.63 11.98
C ASP C 26 23.52 -31.70 13.14
N PRO C 27 22.61 -32.71 13.21
CA PRO C 27 22.35 -33.63 12.11
C PRO C 27 21.16 -33.24 11.23
N ILE C 28 20.93 -34.02 10.17
CA ILE C 28 19.76 -33.85 9.33
C ILE C 28 18.48 -33.99 10.17
N THR C 29 17.50 -33.11 9.92
CA THR C 29 16.21 -33.14 10.61
C THR C 29 15.09 -33.43 9.62
N ASN C 30 13.85 -33.59 10.15
CA ASN C 30 12.69 -33.78 9.29
C ASN C 30 12.45 -32.57 8.41
N GLY C 31 12.93 -31.41 8.85
CA GLY C 31 12.81 -30.19 8.06
C GLY C 31 13.64 -30.29 6.78
N HIS C 32 14.87 -30.73 6.93
CA HIS C 32 15.76 -30.95 5.80
C HIS C 32 15.20 -32.02 4.86
N ILE C 33 14.66 -33.08 5.46
CA ILE C 33 14.12 -34.21 4.72
C ILE C 33 12.95 -33.74 3.85
N ASP C 34 12.11 -32.87 4.41
CA ASP C 34 10.98 -32.31 3.70
C ASP C 34 11.45 -31.47 2.51
N ILE C 35 12.44 -30.61 2.73
CA ILE C 35 12.97 -29.77 1.65
C ILE C 35 13.48 -30.65 0.51
N ILE C 36 14.30 -31.66 0.85
CA ILE C 36 14.96 -32.42 -0.21
C ILE C 36 13.95 -33.32 -0.93
N THR C 37 12.93 -33.81 -0.19
CA THR C 37 11.88 -34.63 -0.77
C THR C 37 11.14 -33.81 -1.83
N ARG C 38 10.83 -32.55 -1.51
CA ARG C 38 10.12 -31.66 -2.42
C ARG C 38 10.98 -31.34 -3.64
N ALA C 39 12.29 -31.09 -3.42
CA ALA C 39 13.18 -30.77 -4.52
C ALA C 39 13.33 -31.98 -5.44
N ALA C 40 13.41 -33.19 -4.83
CA ALA C 40 13.63 -34.42 -5.57
C ALA C 40 12.40 -34.78 -6.39
N SER C 41 11.23 -34.21 -6.04
CA SER C 41 10.02 -34.46 -6.81
C SER C 41 9.95 -33.59 -8.05
N MET C 42 10.75 -32.52 -8.12
CA MET C 42 10.64 -31.58 -9.24
C MET C 42 11.93 -31.53 -10.08
N PHE C 43 13.03 -32.11 -9.59
CA PHE C 43 14.27 -32.12 -10.35
C PHE C 43 14.72 -33.57 -10.56
N ASP C 44 15.46 -33.81 -11.65
CA ASP C 44 15.85 -35.15 -12.04
C ASP C 44 16.74 -35.77 -10.96
N ARG C 45 17.70 -34.99 -10.48
CA ARG C 45 18.69 -35.45 -9.51
C ARG C 45 18.91 -34.36 -8.47
N VAL C 46 19.17 -34.79 -7.23
CA VAL C 46 19.46 -33.89 -6.13
C VAL C 46 20.64 -34.45 -5.34
N ILE C 47 21.61 -33.57 -5.04
CA ILE C 47 22.70 -33.93 -4.14
C ILE C 47 22.53 -33.16 -2.84
N LEU C 48 22.47 -33.90 -1.73
CA LEU C 48 22.64 -33.30 -0.41
C LEU C 48 24.13 -33.06 -0.17
N ALA C 49 24.57 -31.81 -0.25
CA ALA C 49 25.98 -31.45 -0.11
C ALA C 49 26.30 -31.06 1.33
N ILE C 50 27.02 -31.92 2.06
CA ILE C 50 27.31 -31.71 3.47
C ILE C 50 28.69 -31.05 3.61
N ALA C 51 28.70 -29.85 4.18
CA ALA C 51 29.94 -29.10 4.37
C ALA C 51 30.87 -29.84 5.34
N ALA C 52 32.09 -30.12 4.88
CA ALA C 52 33.10 -30.84 5.66
C ALA C 52 33.62 -30.00 6.83
N SER C 53 33.98 -28.73 6.53
CA SER C 53 34.69 -27.87 7.46
C SER C 53 33.87 -26.60 7.73
N PRO C 54 32.73 -26.68 8.46
CA PRO C 54 32.03 -25.48 8.90
C PRO C 54 32.89 -24.71 9.91
N SER C 55 32.60 -23.41 10.06
CA SER C 55 33.37 -22.53 10.91
C SER C 55 33.24 -22.94 12.38
N LYS C 56 32.04 -23.39 12.79
CA LYS C 56 31.84 -23.96 14.11
C LYS C 56 32.03 -25.47 14.02
N LYS C 57 32.89 -26.03 14.90
CA LYS C 57 33.07 -27.48 14.99
C LYS C 57 31.73 -28.19 15.21
N PRO C 58 31.33 -29.12 14.31
CA PRO C 58 30.03 -29.80 14.41
C PRO C 58 30.04 -30.90 15.48
N MET C 59 28.85 -31.25 15.98
CA MET C 59 28.70 -32.32 16.95
C MET C 59 29.04 -33.67 16.29
N PHE C 60 28.47 -33.91 15.11
CA PHE C 60 28.81 -35.08 14.30
C PHE C 60 29.89 -34.69 13.29
N ASP C 61 30.83 -35.59 13.03
CA ASP C 61 31.83 -35.36 12.00
C ASP C 61 31.21 -35.66 10.63
N LEU C 62 31.97 -35.37 9.57
CA LEU C 62 31.48 -35.51 8.20
C LEU C 62 31.06 -36.94 7.93
N GLU C 63 31.83 -37.92 8.40
CA GLU C 63 31.51 -39.32 8.13
C GLU C 63 30.14 -39.64 8.73
N GLU C 64 29.91 -39.18 9.97
CA GLU C 64 28.68 -39.48 10.70
C GLU C 64 27.49 -38.76 10.06
N ARG C 65 27.68 -37.49 9.70
CA ARG C 65 26.64 -36.69 9.07
C ARG C 65 26.22 -37.32 7.75
N VAL C 66 27.21 -37.68 6.92
CA VAL C 66 26.97 -38.31 5.64
C VAL C 66 26.25 -39.65 5.84
N ALA C 67 26.66 -40.42 6.85
CA ALA C 67 26.11 -41.74 7.09
C ALA C 67 24.64 -41.64 7.52
N LEU C 68 24.36 -40.70 8.44
CA LEU C 68 23.01 -40.48 8.93
C LEU C 68 22.07 -40.02 7.81
N ALA C 69 22.54 -39.05 7.01
CA ALA C 69 21.75 -38.49 5.94
C ALA C 69 21.44 -39.54 4.88
N THR C 70 22.45 -40.35 4.54
CA THR C 70 22.30 -41.41 3.53
C THR C 70 21.19 -42.37 3.95
N THR C 71 21.21 -42.79 5.23
CA THR C 71 20.23 -43.72 5.78
C THR C 71 18.83 -43.08 5.75
N ALA C 72 18.74 -41.79 6.12
CA ALA C 72 17.46 -41.12 6.22
C ALA C 72 16.83 -40.86 4.85
N LEU C 73 17.67 -40.84 3.79
CA LEU C 73 17.23 -40.48 2.46
C LEU C 73 17.33 -41.65 1.49
N GLN C 74 17.46 -42.88 1.99
CA GLN C 74 17.63 -44.07 1.17
C GLN C 74 16.42 -44.30 0.25
N HIS C 75 15.26 -43.96 0.79
CA HIS C 75 13.96 -44.16 0.16
C HIS C 75 13.71 -43.18 -0.97
N LEU C 76 14.59 -42.19 -1.19
CA LEU C 76 14.49 -41.26 -2.31
C LEU C 76 15.48 -41.69 -3.39
N PRO C 77 15.01 -42.22 -4.54
CA PRO C 77 15.91 -42.85 -5.51
C PRO C 77 16.84 -41.91 -6.25
N ASN C 78 16.43 -40.63 -6.41
CA ASN C 78 17.17 -39.67 -7.22
C ASN C 78 17.99 -38.72 -6.34
N VAL C 79 18.25 -39.13 -5.09
CA VAL C 79 19.00 -38.29 -4.16
C VAL C 79 20.30 -39.00 -3.81
N GLU C 80 21.39 -38.22 -3.79
CA GLU C 80 22.71 -38.70 -3.40
C GLU C 80 23.28 -37.76 -2.33
N VAL C 81 23.99 -38.34 -1.35
CA VAL C 81 24.56 -37.59 -0.24
C VAL C 81 26.08 -37.55 -0.44
N MET C 82 26.68 -36.35 -0.36
CA MET C 82 28.12 -36.18 -0.51
C MET C 82 28.63 -35.08 0.43
N GLY C 83 29.90 -35.18 0.84
CA GLY C 83 30.59 -34.09 1.51
C GLY C 83 31.29 -33.17 0.50
N PHE C 84 31.62 -31.95 0.93
CA PHE C 84 32.38 -31.01 0.10
C PHE C 84 33.12 -30.03 1.01
N SER C 85 34.32 -29.61 0.60
CA SER C 85 35.13 -28.67 1.38
C SER C 85 35.59 -27.52 0.50
N ASP C 86 34.67 -26.93 -0.26
CA ASP C 86 35.03 -26.05 -1.37
C ASP C 86 34.05 -24.88 -1.42
N LEU C 87 34.33 -23.94 -2.32
CA LEU C 87 33.34 -22.96 -2.72
C LEU C 87 32.14 -23.72 -3.29
N MET C 88 30.96 -23.23 -2.93
CA MET C 88 29.69 -23.72 -3.45
C MET C 88 29.73 -23.81 -4.97
N ALA C 89 30.33 -22.78 -5.56
CA ALA C 89 30.35 -22.64 -7.01
C ALA C 89 31.22 -23.73 -7.63
N ASN C 90 32.35 -24.03 -7.00
CA ASN C 90 33.33 -24.95 -7.55
C ASN C 90 32.79 -26.38 -7.44
N PHE C 91 32.11 -26.68 -6.33
CA PHE C 91 31.51 -27.99 -6.14
C PHE C 91 30.39 -28.21 -7.16
N ALA C 92 29.54 -27.18 -7.32
CA ALA C 92 28.43 -27.26 -8.26
C ALA C 92 28.95 -27.50 -9.68
N ARG C 93 30.03 -26.80 -10.04
CA ARG C 93 30.63 -26.93 -11.37
C ARG C 93 31.18 -28.35 -11.53
N ALA C 94 31.88 -28.84 -10.49
CA ALA C 94 32.44 -30.18 -10.49
C ALA C 94 31.34 -31.24 -10.66
N GLN C 95 30.16 -31.00 -10.05
CA GLN C 95 29.09 -31.97 -10.06
C GLN C 95 28.16 -31.77 -11.24
N GLN C 96 28.45 -30.79 -12.10
CA GLN C 96 27.62 -30.47 -13.25
C GLN C 96 26.19 -30.17 -12.80
N ALA C 97 26.08 -29.47 -11.66
CA ALA C 97 24.79 -29.03 -11.14
C ALA C 97 24.44 -27.70 -11.80
N ASN C 98 23.13 -27.48 -12.03
CA ASN C 98 22.65 -26.24 -12.61
C ASN C 98 21.63 -25.56 -11.69
N ILE C 99 21.32 -26.18 -10.54
CA ILE C 99 20.34 -25.67 -9.60
C ILE C 99 20.90 -25.74 -8.19
N LEU C 100 20.63 -24.68 -7.42
CA LEU C 100 20.99 -24.61 -6.01
C LEU C 100 19.72 -24.44 -5.18
N ILE C 101 19.44 -25.45 -4.34
CA ILE C 101 18.28 -25.44 -3.47
C ILE C 101 18.64 -24.77 -2.16
N ARG C 102 17.77 -23.85 -1.72
CA ARG C 102 17.86 -23.26 -0.40
C ARG C 102 16.47 -23.34 0.23
N GLY C 103 16.38 -23.85 1.45
CA GLY C 103 15.18 -23.73 2.25
C GLY C 103 15.11 -22.35 2.90
N LEU C 104 13.91 -21.77 2.95
CA LEU C 104 13.73 -20.42 3.47
C LEU C 104 12.75 -20.48 4.63
N ARG C 105 13.27 -20.44 5.86
CA ARG C 105 12.48 -20.60 7.08
C ARG C 105 12.08 -19.24 7.66
N ALA C 106 13.05 -18.33 7.84
CA ALA C 106 12.77 -17.03 8.43
C ALA C 106 13.03 -15.92 7.42
N VAL C 107 12.43 -14.75 7.68
CA VAL C 107 12.66 -13.53 6.92
C VAL C 107 14.09 -13.04 7.12
N ALA C 108 14.61 -13.24 8.33
CA ALA C 108 15.97 -12.84 8.67
C ALA C 108 16.98 -13.56 7.77
N ASP C 109 16.71 -14.83 7.47
CA ASP C 109 17.62 -15.67 6.69
C ASP C 109 17.59 -15.27 5.21
N PHE C 110 16.42 -14.84 4.73
CA PHE C 110 16.22 -14.53 3.32
C PHE C 110 17.21 -13.47 2.88
N GLU C 111 17.45 -12.44 3.69
CA GLU C 111 18.38 -11.38 3.34
C GLU C 111 19.78 -11.94 3.08
N TYR C 112 20.27 -12.79 3.99
CA TYR C 112 21.59 -13.37 3.87
C TYR C 112 21.68 -14.26 2.62
N GLU C 113 20.60 -15.02 2.37
CA GLU C 113 20.51 -15.95 1.26
C GLU C 113 20.47 -15.20 -0.07
N MET C 114 19.82 -14.03 -0.13
CA MET C 114 19.77 -13.22 -1.33
C MET C 114 21.15 -12.65 -1.65
N GLN C 115 21.90 -12.28 -0.60
CA GLN C 115 23.26 -11.79 -0.74
C GLN C 115 24.14 -12.90 -1.35
N LEU C 116 24.03 -14.10 -0.76
CA LEU C 116 24.78 -15.26 -1.25
C LEU C 116 24.40 -15.59 -2.69
N ALA C 117 23.12 -15.50 -3.02
CA ALA C 117 22.65 -15.85 -4.36
C ALA C 117 23.25 -14.89 -5.39
N HIS C 118 23.36 -13.60 -5.04
CA HIS C 118 23.98 -12.62 -5.91
C HIS C 118 25.47 -12.91 -6.10
N MET C 119 26.13 -13.35 -5.04
CA MET C 119 27.54 -13.71 -5.13
C MET C 119 27.72 -14.95 -6.00
N ASN C 120 26.90 -15.99 -5.76
CA ASN C 120 26.94 -17.20 -6.55
C ASN C 120 26.62 -16.90 -8.01
N ARG C 121 25.74 -15.93 -8.29
CA ARG C 121 25.45 -15.54 -9.66
C ARG C 121 26.70 -14.97 -10.33
N HIS C 122 27.50 -14.23 -9.55
CA HIS C 122 28.76 -13.67 -10.01
C HIS C 122 29.79 -14.77 -10.29
N LEU C 123 29.89 -15.73 -9.36
CA LEU C 123 30.86 -16.80 -9.45
C LEU C 123 30.47 -17.82 -10.53
N MET C 124 29.19 -18.20 -10.58
CA MET C 124 28.70 -19.22 -11.50
C MET C 124 27.35 -18.75 -12.09
N PRO C 125 27.37 -17.97 -13.19
CA PRO C 125 26.12 -17.43 -13.77
C PRO C 125 25.12 -18.49 -14.20
N GLU C 126 25.60 -19.70 -14.48
CA GLU C 126 24.79 -20.79 -15.03
C GLU C 126 24.11 -21.60 -13.90
N LEU C 127 24.40 -21.24 -12.65
CA LEU C 127 23.78 -21.87 -11.49
C LEU C 127 22.57 -21.03 -11.05
N GLU C 128 21.38 -21.64 -11.04
CA GLU C 128 20.16 -20.94 -10.67
CA GLU C 128 20.16 -20.94 -10.67
C GLU C 128 19.80 -21.32 -9.23
N SER C 129 19.61 -20.29 -8.38
CA SER C 129 19.24 -20.51 -6.99
C SER C 129 17.72 -20.58 -6.91
N VAL C 130 17.22 -21.60 -6.20
CA VAL C 130 15.80 -21.86 -6.08
C VAL C 130 15.45 -21.98 -4.60
N PHE C 131 14.32 -21.36 -4.22
CA PHE C 131 13.97 -21.24 -2.81
C PHE C 131 12.67 -21.99 -2.57
N LEU C 132 12.69 -22.85 -1.52
CA LEU C 132 11.49 -23.54 -1.05
C LEU C 132 11.18 -23.12 0.39
N MET C 133 9.90 -22.86 0.66
CA MET C 133 9.43 -22.65 2.03
C MET C 133 9.29 -24.01 2.68
N PRO C 134 9.61 -24.18 3.98
CA PRO C 134 9.40 -25.48 4.64
C PRO C 134 7.90 -25.63 4.89
N SER C 135 7.44 -26.87 5.01
CA SER C 135 6.09 -27.18 5.44
C SER C 135 5.85 -26.57 6.83
N LYS C 136 4.58 -26.34 7.13
CA LYS C 136 4.14 -25.69 8.36
C LYS C 136 4.68 -26.43 9.58
N GLU C 137 4.67 -27.77 9.54
CA GLU C 137 5.09 -28.60 10.66
C GLU C 137 6.55 -28.34 11.03
N TRP C 138 7.40 -28.04 10.03
CA TRP C 138 8.84 -27.95 10.23
C TRP C 138 9.33 -26.50 10.17
N SER C 139 8.40 -25.54 10.21
CA SER C 139 8.70 -24.16 9.89
C SER C 139 9.51 -23.47 10.98
N PHE C 140 9.53 -24.01 12.21
CA PHE C 140 10.30 -23.36 13.27
C PHE C 140 11.57 -24.15 13.61
N ILE C 141 11.72 -25.38 13.10
CA ILE C 141 12.75 -26.26 13.61
C ILE C 141 14.03 -26.09 12.80
N SER C 142 15.16 -26.31 13.48
CA SER C 142 16.49 -26.25 12.91
C SER C 142 17.37 -27.26 13.63
N SER C 143 18.52 -27.61 13.04
CA SER C 143 19.48 -28.48 13.69
C SER C 143 19.77 -27.98 15.10
N SER C 144 20.20 -26.71 15.19
CA SER C 144 20.65 -26.10 16.43
C SER C 144 19.57 -26.20 17.51
N LEU C 145 18.31 -25.93 17.12
CA LEU C 145 17.20 -25.94 18.06
C LEU C 145 17.01 -27.37 18.59
N VAL C 146 16.90 -28.32 17.66
CA VAL C 146 16.61 -29.70 18.02
C VAL C 146 17.70 -30.28 18.94
N LYS C 147 18.94 -29.84 18.74
CA LYS C 147 20.03 -30.19 19.65
C LYS C 147 19.77 -29.62 21.05
N GLU C 148 19.37 -28.34 21.11
CA GLU C 148 19.11 -27.65 22.36
C GLU C 148 18.00 -28.33 23.16
N VAL C 149 16.91 -28.72 22.49
CA VAL C 149 15.79 -29.35 23.17
C VAL C 149 16.23 -30.67 23.78
N ALA C 150 16.92 -31.50 22.98
CA ALA C 150 17.32 -32.83 23.41
C ALA C 150 18.36 -32.75 24.52
N ARG C 151 19.21 -31.71 24.49
CA ARG C 151 20.25 -31.52 25.48
C ARG C 151 19.67 -31.37 26.89
N HIS C 152 18.42 -30.88 26.98
CA HIS C 152 17.73 -30.73 28.26
C HIS C 152 16.48 -31.57 28.24
N ALA C 153 16.60 -32.76 27.65
CA ALA C 153 15.67 -33.87 27.88
C ALA C 153 14.25 -33.59 27.38
N GLY C 154 14.18 -32.85 26.27
CA GLY C 154 12.92 -32.64 25.58
C GLY C 154 12.70 -33.72 24.52
N ASP C 155 11.43 -34.02 24.23
CA ASP C 155 11.05 -35.03 23.25
C ASP C 155 11.21 -34.46 21.84
N VAL C 156 12.06 -35.13 21.05
CA VAL C 156 12.36 -34.70 19.69
C VAL C 156 12.09 -35.83 18.71
N THR C 157 11.30 -36.84 19.11
CA THR C 157 11.07 -38.01 18.27
C THR C 157 10.32 -37.62 17.01
N HIS C 158 9.55 -36.51 17.07
CA HIS C 158 8.80 -36.01 15.94
C HIS C 158 9.66 -35.09 15.09
N PHE C 159 10.90 -34.78 15.51
CA PHE C 159 11.76 -33.83 14.82
C PHE C 159 12.84 -34.51 13.98
N LEU C 160 13.12 -35.81 14.25
CA LEU C 160 14.28 -36.48 13.68
C LEU C 160 13.83 -37.80 13.07
N PRO C 161 14.59 -38.37 12.09
CA PRO C 161 14.39 -39.76 11.70
C PRO C 161 14.86 -40.67 12.83
N ALA C 162 14.36 -41.91 12.89
CA ALA C 162 14.69 -42.86 13.95
C ALA C 162 16.20 -43.07 14.07
N ASN C 163 16.90 -43.21 12.94
CA ASN C 163 18.32 -43.51 12.96
C ASN C 163 19.09 -42.32 13.55
N VAL C 164 18.63 -41.09 13.27
CA VAL C 164 19.26 -39.89 13.74
C VAL C 164 18.96 -39.73 15.24
N HIS C 165 17.73 -40.06 15.62
CA HIS C 165 17.29 -39.95 16.99
C HIS C 165 18.16 -40.82 17.87
N GLN C 166 18.36 -42.10 17.46
CA GLN C 166 19.15 -43.04 18.23
C GLN C 166 20.58 -42.52 18.39
N ALA C 167 21.15 -42.01 17.29
CA ALA C 167 22.54 -41.57 17.30
C ALA C 167 22.72 -40.36 18.22
N LEU C 168 21.71 -39.48 18.24
CA LEU C 168 21.77 -38.27 19.03
C LEU C 168 21.70 -38.63 20.52
N MET C 169 20.76 -39.53 20.87
CA MET C 169 20.62 -40.03 22.24
C MET C 169 21.96 -40.60 22.74
N GLU C 170 22.69 -41.33 21.87
CA GLU C 170 23.97 -41.89 22.23
C GLU C 170 25.01 -40.80 22.48
N LYS C 171 24.98 -39.73 21.69
CA LYS C 171 25.81 -38.57 21.94
C LYS C 171 25.26 -37.86 23.18
N LEU C 172 26.14 -37.28 24.01
CA LEU C 172 25.74 -36.68 25.28
C LEU C 172 25.07 -37.74 26.17
N LYS C 173 25.88 -38.76 26.48
CA LYS C 173 25.48 -39.83 27.39
C LYS C 173 26.45 -39.89 28.60
N MET D 15 7.86 -38.22 -16.14
CA MET D 15 7.06 -37.53 -15.09
C MET D 15 7.31 -36.02 -15.23
N SER D 16 6.36 -35.35 -15.89
CA SER D 16 6.50 -33.96 -16.27
C SER D 16 6.51 -33.07 -15.03
N THR D 17 7.04 -31.87 -15.21
CA THR D 17 6.75 -30.71 -14.36
C THR D 17 5.98 -29.66 -15.20
N LYS D 18 4.90 -29.15 -14.62
CA LYS D 18 4.15 -28.07 -15.24
C LYS D 18 3.92 -26.96 -14.22
N ALA D 19 4.43 -25.77 -14.53
CA ALA D 19 4.45 -24.65 -13.61
C ALA D 19 3.52 -23.55 -14.11
N ILE D 20 2.82 -22.91 -13.15
CA ILE D 20 2.10 -21.68 -13.43
C ILE D 20 2.87 -20.52 -12.79
N TYR D 21 2.98 -19.43 -13.54
CA TYR D 21 3.52 -18.17 -13.06
C TYR D 21 2.42 -17.11 -13.13
N PRO D 22 1.63 -16.93 -12.05
CA PRO D 22 0.52 -15.98 -12.06
C PRO D 22 0.94 -14.55 -11.71
N GLY D 23 0.12 -13.61 -12.18
CA GLY D 23 0.32 -12.19 -11.99
C GLY D 23 -0.73 -11.38 -12.75
N THR D 24 -0.67 -10.05 -12.62
CA THR D 24 -1.53 -9.15 -13.39
C THR D 24 -0.84 -8.80 -14.71
N PHE D 25 0.50 -8.73 -14.73
CA PHE D 25 1.27 -8.49 -15.93
C PHE D 25 0.67 -7.33 -16.73
N ASP D 26 0.65 -6.14 -16.10
CA ASP D 26 -0.04 -4.97 -16.60
C ASP D 26 0.93 -3.80 -16.68
N PRO D 27 1.85 -3.74 -17.68
CA PRO D 27 2.13 -4.86 -18.58
C PRO D 27 3.33 -5.71 -18.15
N ILE D 28 3.58 -6.79 -18.89
CA ILE D 28 4.75 -7.63 -18.64
C ILE D 28 6.02 -6.77 -18.81
N THR D 29 6.99 -6.97 -17.90
CA THR D 29 8.26 -6.25 -17.93
C THR D 29 9.40 -7.23 -18.16
N ASN D 30 10.61 -6.69 -18.31
CA ASN D 30 11.82 -7.48 -18.47
C ASN D 30 12.06 -8.31 -17.21
N GLY D 31 11.55 -7.81 -16.07
CA GLY D 31 11.66 -8.56 -14.83
C GLY D 31 10.90 -9.87 -14.88
N HIS D 32 9.65 -9.77 -15.34
CA HIS D 32 8.80 -10.94 -15.53
C HIS D 32 9.41 -11.89 -16.56
N ILE D 33 9.93 -11.33 -17.63
CA ILE D 33 10.51 -12.11 -18.72
C ILE D 33 11.69 -12.92 -18.21
N ASP D 34 12.51 -12.30 -17.34
CA ASP D 34 13.65 -12.95 -16.74
C ASP D 34 13.19 -14.13 -15.86
N ILE D 35 12.18 -13.88 -15.01
CA ILE D 35 11.69 -14.93 -14.13
C ILE D 35 11.21 -16.12 -14.97
N ILE D 36 10.40 -15.87 -16.00
CA ILE D 36 9.76 -16.97 -16.72
C ILE D 36 10.79 -17.71 -17.56
N THR D 37 11.80 -16.98 -18.07
CA THR D 37 12.87 -17.57 -18.85
C THR D 37 13.62 -18.59 -17.98
N ARG D 38 13.92 -18.20 -16.74
CA ARG D 38 14.63 -19.04 -15.81
C ARG D 38 13.78 -20.26 -15.40
N ALA D 39 12.48 -20.04 -15.18
CA ALA D 39 11.59 -21.12 -14.79
C ALA D 39 11.45 -22.12 -15.94
N ALA D 40 11.38 -21.59 -17.18
CA ALA D 40 11.19 -22.41 -18.36
C ALA D 40 12.44 -23.25 -18.66
N SER D 41 13.59 -22.87 -18.09
CA SER D 41 14.82 -23.63 -18.24
C SER D 41 14.84 -24.83 -17.30
N MET D 42 14.03 -24.82 -16.24
CA MET D 42 14.11 -25.89 -15.24
C MET D 42 12.82 -26.71 -15.16
N PHE D 43 11.72 -26.26 -15.79
CA PHE D 43 10.46 -26.99 -15.75
C PHE D 43 10.02 -27.28 -17.18
N ASP D 44 9.32 -28.40 -17.35
CA ASP D 44 9.02 -28.91 -18.69
C ASP D 44 8.11 -27.93 -19.42
N ARG D 45 7.08 -27.46 -18.71
CA ARG D 45 6.09 -26.52 -19.24
C ARG D 45 5.84 -25.42 -18.21
N VAL D 46 5.63 -24.21 -18.70
CA VAL D 46 5.35 -23.06 -17.86
C VAL D 46 4.18 -22.29 -18.47
N ILE D 47 3.20 -21.95 -17.63
CA ILE D 47 2.10 -21.11 -18.07
C ILE D 47 2.23 -19.76 -17.38
N LEU D 48 2.30 -18.68 -18.17
CA LEU D 48 2.10 -17.34 -17.65
C LEU D 48 0.61 -17.11 -17.47
N ALA D 49 0.14 -17.15 -16.21
CA ALA D 49 -1.28 -17.01 -15.90
C ALA D 49 -1.62 -15.55 -15.58
N ILE D 50 -2.31 -14.87 -16.51
CA ILE D 50 -2.61 -13.45 -16.35
C ILE D 50 -4.00 -13.30 -15.72
N ALA D 51 -4.07 -12.68 -14.55
CA ALA D 51 -5.33 -12.47 -13.84
C ALA D 51 -6.20 -11.51 -14.63
N ALA D 52 -7.42 -11.95 -14.98
CA ALA D 52 -8.37 -11.17 -15.77
C ALA D 52 -8.98 -10.06 -14.93
N SER D 53 -9.36 -10.36 -13.67
CA SER D 53 -10.07 -9.44 -12.82
C SER D 53 -9.27 -9.11 -11.56
N PRO D 54 -8.16 -8.34 -11.65
CA PRO D 54 -7.50 -7.81 -10.44
C PRO D 54 -8.42 -6.80 -9.76
N SER D 55 -8.21 -6.59 -8.46
CA SER D 55 -9.06 -5.71 -7.66
C SER D 55 -8.93 -4.27 -8.13
N LYS D 56 -7.71 -3.85 -8.54
CA LYS D 56 -7.52 -2.55 -9.14
C LYS D 56 -7.61 -2.68 -10.66
N LYS D 57 -8.48 -1.89 -11.31
CA LYS D 57 -8.66 -1.90 -12.76
C LYS D 57 -7.31 -1.67 -13.46
N PRO D 58 -6.86 -2.60 -14.33
CA PRO D 58 -5.58 -2.47 -15.00
C PRO D 58 -5.59 -1.48 -16.17
N MET D 59 -4.41 -0.99 -16.53
CA MET D 59 -4.24 -0.09 -17.65
C MET D 59 -4.55 -0.80 -18.97
N PHE D 60 -4.01 -2.01 -19.12
CA PHE D 60 -4.30 -2.86 -20.26
C PHE D 60 -5.37 -3.87 -19.85
N ASP D 61 -6.31 -4.21 -20.76
CA ASP D 61 -7.29 -5.24 -20.48
C ASP D 61 -6.64 -6.62 -20.69
N LEU D 62 -7.38 -7.69 -20.35
CA LEU D 62 -6.85 -9.04 -20.39
C LEU D 62 -6.37 -9.38 -21.81
N GLU D 63 -7.18 -9.01 -22.80
CA GLU D 63 -6.88 -9.31 -24.19
C GLU D 63 -5.52 -8.70 -24.56
N GLU D 64 -5.31 -7.45 -24.15
CA GLU D 64 -4.10 -6.70 -24.50
C GLU D 64 -2.90 -7.29 -23.75
N ARG D 65 -3.09 -7.59 -22.46
CA ARG D 65 -2.05 -8.15 -21.62
C ARG D 65 -1.59 -9.50 -22.18
N VAL D 66 -2.56 -10.36 -22.51
CA VAL D 66 -2.28 -11.68 -23.07
C VAL D 66 -1.57 -11.54 -24.41
N ALA D 67 -2.00 -10.57 -25.23
CA ALA D 67 -1.43 -10.39 -26.56
C ALA D 67 0.02 -9.92 -26.47
N LEU D 68 0.28 -8.96 -25.57
CA LEU D 68 1.61 -8.41 -25.38
C LEU D 68 2.56 -9.47 -24.82
N ALA D 69 2.10 -10.24 -23.82
CA ALA D 69 2.91 -11.26 -23.19
C ALA D 69 3.25 -12.37 -24.19
N THR D 70 2.27 -12.77 -25.00
CA THR D 70 2.45 -13.80 -26.02
C THR D 70 3.59 -13.38 -26.97
N THR D 71 3.53 -12.13 -27.44
CA THR D 71 4.53 -11.59 -28.36
C THR D 71 5.92 -11.58 -27.69
N ALA D 72 5.98 -11.16 -26.42
CA ALA D 72 7.24 -10.99 -25.72
C ALA D 72 7.89 -12.35 -25.41
N LEU D 73 7.08 -13.41 -25.37
CA LEU D 73 7.54 -14.72 -24.94
C LEU D 73 7.47 -15.75 -26.07
N GLN D 74 7.37 -15.29 -27.33
CA GLN D 74 7.25 -16.16 -28.50
C GLN D 74 8.48 -17.07 -28.65
N HIS D 75 9.64 -16.51 -28.28
CA HIS D 75 10.94 -17.15 -28.42
C HIS D 75 11.15 -18.29 -27.42
N LEU D 76 10.24 -18.44 -26.44
CA LEU D 76 10.34 -19.50 -25.44
C LEU D 76 9.38 -20.63 -25.84
N PRO D 77 9.89 -21.81 -26.23
CA PRO D 77 9.04 -22.85 -26.81
C PRO D 77 8.10 -23.57 -25.84
N ASN D 78 8.50 -23.63 -24.55
CA ASN D 78 7.75 -24.42 -23.56
C ASN D 78 6.90 -23.52 -22.67
N VAL D 79 6.62 -22.29 -23.15
CA VAL D 79 5.85 -21.32 -22.39
C VAL D 79 4.56 -21.05 -23.12
N GLU D 80 3.45 -21.02 -22.36
CA GLU D 80 2.14 -20.67 -22.87
C GLU D 80 1.57 -19.52 -22.02
N VAL D 81 0.87 -18.59 -22.68
CA VAL D 81 0.26 -17.44 -22.02
C VAL D 81 -1.25 -17.65 -22.00
N MET D 82 -1.87 -17.52 -20.82
CA MET D 82 -3.31 -17.67 -20.65
C MET D 82 -3.84 -16.68 -19.63
N GLY D 83 -5.11 -16.26 -19.80
CA GLY D 83 -5.83 -15.51 -18.80
C GLY D 83 -6.58 -16.46 -17.86
N PHE D 84 -6.92 -15.98 -16.66
CA PHE D 84 -7.73 -16.74 -15.74
C PHE D 84 -8.47 -15.77 -14.83
N SER D 85 -9.71 -16.13 -14.46
CA SER D 85 -10.55 -15.32 -13.58
C SER D 85 -11.07 -16.21 -12.45
N ASP D 86 -10.13 -16.79 -11.71
CA ASP D 86 -10.40 -17.90 -10.82
C ASP D 86 -9.48 -17.71 -9.60
N LEU D 87 -9.75 -18.52 -8.57
CA LEU D 87 -8.83 -18.68 -7.47
C LEU D 87 -7.58 -19.34 -8.05
N MET D 88 -6.46 -19.06 -7.39
CA MET D 88 -5.28 -19.92 -7.47
C MET D 88 -5.66 -21.35 -7.07
N ALA D 89 -4.79 -22.32 -7.39
CA ALA D 89 -4.97 -23.67 -6.90
C ALA D 89 -6.21 -24.33 -7.51
N ASN D 90 -6.96 -23.64 -8.39
CA ASN D 90 -8.13 -24.15 -9.07
C ASN D 90 -7.97 -23.98 -10.59
N PHE D 91 -7.36 -22.86 -11.00
CA PHE D 91 -6.78 -22.76 -12.33
C PHE D 91 -5.62 -23.74 -12.47
N ALA D 92 -4.77 -23.82 -11.45
CA ALA D 92 -3.67 -24.77 -11.37
C ALA D 92 -4.19 -26.20 -11.56
N ARG D 93 -5.27 -26.54 -10.84
CA ARG D 93 -5.84 -27.87 -10.93
C ARG D 93 -6.37 -28.12 -12.34
N ALA D 94 -7.06 -27.12 -12.91
CA ALA D 94 -7.60 -27.21 -14.26
C ALA D 94 -6.49 -27.44 -15.28
N GLN D 95 -5.33 -26.81 -15.07
CA GLN D 95 -4.24 -26.87 -16.04
C GLN D 95 -3.25 -27.96 -15.70
N GLN D 96 -3.60 -28.82 -14.73
CA GLN D 96 -2.79 -29.97 -14.38
C GLN D 96 -1.40 -29.53 -13.96
N ALA D 97 -1.29 -28.37 -13.28
CA ALA D 97 -0.01 -27.85 -12.84
C ALA D 97 0.30 -28.41 -11.46
N ASN D 98 1.60 -28.62 -11.19
CA ASN D 98 2.09 -29.13 -9.92
C ASN D 98 3.11 -28.17 -9.28
N ILE D 99 3.41 -27.06 -9.98
CA ILE D 99 4.39 -26.08 -9.50
C ILE D 99 3.81 -24.68 -9.66
N LEU D 100 4.06 -23.84 -8.64
CA LEU D 100 3.67 -22.43 -8.67
C LEU D 100 4.92 -21.56 -8.54
N ILE D 101 5.21 -20.76 -9.58
CA ILE D 101 6.34 -19.86 -9.60
C ILE D 101 5.95 -18.53 -8.96
N ARG D 102 6.76 -18.05 -8.02
CA ARG D 102 6.55 -16.77 -7.38
C ARG D 102 7.89 -16.03 -7.35
N GLY D 103 7.87 -14.75 -7.74
CA GLY D 103 9.05 -13.91 -7.66
C GLY D 103 9.23 -13.36 -6.26
N LEU D 104 10.47 -13.31 -5.78
CA LEU D 104 10.76 -12.91 -4.42
C LEU D 104 11.75 -11.74 -4.48
N ARG D 105 11.26 -10.50 -4.40
CA ARG D 105 12.09 -9.32 -4.60
C ARG D 105 12.66 -8.78 -3.29
N ALA D 106 11.81 -8.74 -2.25
CA ALA D 106 12.19 -8.07 -1.03
C ALA D 106 11.94 -8.94 0.20
N VAL D 107 12.50 -8.50 1.32
CA VAL D 107 12.34 -9.16 2.60
C VAL D 107 10.93 -8.91 3.12
N ALA D 108 10.38 -7.72 2.84
CA ALA D 108 9.04 -7.36 3.26
C ALA D 108 8.00 -8.31 2.68
N ASP D 109 8.23 -8.74 1.43
CA ASP D 109 7.29 -9.59 0.70
C ASP D 109 7.29 -11.02 1.23
N PHE D 110 8.43 -11.47 1.76
CA PHE D 110 8.61 -12.85 2.17
C PHE D 110 7.51 -13.30 3.13
N GLU D 111 7.14 -12.46 4.10
CA GLU D 111 6.14 -12.83 5.08
C GLU D 111 4.81 -13.13 4.39
N TYR D 112 4.38 -12.24 3.49
CA TYR D 112 3.11 -12.38 2.80
C TYR D 112 3.14 -13.63 1.92
N GLU D 113 4.29 -13.86 1.25
CA GLU D 113 4.46 -14.98 0.34
C GLU D 113 4.43 -16.31 1.09
N MET D 114 4.99 -16.35 2.31
CA MET D 114 4.98 -17.54 3.13
C MET D 114 3.54 -17.86 3.56
N GLN D 115 2.77 -16.81 3.90
CA GLN D 115 1.38 -16.96 4.29
C GLN D 115 0.58 -17.54 3.12
N LEU D 116 0.78 -16.97 1.92
CA LEU D 116 0.09 -17.42 0.72
C LEU D 116 0.46 -18.86 0.40
N ALA D 117 1.73 -19.22 0.59
CA ALA D 117 2.20 -20.56 0.29
C ALA D 117 1.52 -21.57 1.20
N HIS D 118 1.35 -21.21 2.48
CA HIS D 118 0.69 -22.07 3.46
C HIS D 118 -0.78 -22.22 3.12
N MET D 119 -1.43 -21.17 2.61
CA MET D 119 -2.83 -21.25 2.19
C MET D 119 -2.94 -22.18 0.98
N ASN D 120 -2.08 -21.96 -0.04
CA ASN D 120 -2.10 -22.78 -1.23
C ASN D 120 -1.80 -24.25 -0.88
N ARG D 121 -0.94 -24.48 0.12
CA ARG D 121 -0.63 -25.84 0.55
C ARG D 121 -1.86 -26.49 1.14
N HIS D 122 -2.69 -25.70 1.84
CA HIS D 122 -3.95 -26.18 2.42
C HIS D 122 -4.96 -26.50 1.32
N LEU D 123 -5.06 -25.60 0.32
CA LEU D 123 -6.04 -25.75 -0.74
C LEU D 123 -5.65 -26.88 -1.69
N MET D 124 -4.36 -26.92 -2.07
CA MET D 124 -3.86 -27.88 -3.04
C MET D 124 -2.52 -28.42 -2.55
N PRO D 125 -2.50 -29.49 -1.72
CA PRO D 125 -1.25 -30.03 -1.17
C PRO D 125 -0.25 -30.50 -2.24
N GLU D 126 -0.77 -30.81 -3.44
CA GLU D 126 0.01 -31.35 -4.53
C GLU D 126 0.68 -30.24 -5.34
N LEU D 127 0.41 -28.97 -5.01
CA LEU D 127 1.01 -27.81 -5.66
C LEU D 127 2.17 -27.34 -4.81
N GLU D 128 3.38 -27.32 -5.41
CA GLU D 128 4.57 -26.84 -4.72
C GLU D 128 4.85 -25.41 -5.17
N SER D 129 4.98 -24.50 -4.21
CA SER D 129 5.36 -23.12 -4.51
C SER D 129 6.89 -23.04 -4.56
N VAL D 130 7.40 -22.41 -5.63
CA VAL D 130 8.82 -22.30 -5.87
C VAL D 130 9.16 -20.82 -6.08
N PHE D 131 10.25 -20.38 -5.43
CA PHE D 131 10.54 -18.96 -5.31
C PHE D 131 11.83 -18.65 -6.05
N LEU D 132 11.76 -17.66 -6.96
CA LEU D 132 12.89 -17.19 -7.72
C LEU D 132 13.16 -15.74 -7.38
N MET D 133 14.43 -15.43 -7.12
CA MET D 133 14.90 -14.08 -6.91
C MET D 133 14.99 -13.40 -8.26
N PRO D 134 14.64 -12.10 -8.40
CA PRO D 134 14.79 -11.42 -9.69
C PRO D 134 16.28 -11.14 -9.88
N SER D 135 16.70 -10.99 -11.15
CA SER D 135 18.05 -10.56 -11.44
C SER D 135 18.31 -9.20 -10.80
N LYS D 136 19.58 -8.90 -10.54
CA LYS D 136 19.97 -7.63 -9.94
C LYS D 136 19.50 -6.46 -10.81
N GLU D 137 19.60 -6.63 -12.13
CA GLU D 137 19.19 -5.65 -13.13
C GLU D 137 17.74 -5.22 -12.96
N TRP D 138 16.85 -6.16 -12.60
CA TRP D 138 15.41 -5.93 -12.58
C TRP D 138 14.87 -5.83 -11.15
N SER D 139 15.76 -5.71 -10.16
CA SER D 139 15.40 -5.91 -8.76
C SER D 139 14.56 -4.76 -8.22
N PHE D 140 14.59 -3.58 -8.87
CA PHE D 140 13.89 -2.43 -8.35
C PHE D 140 12.68 -2.08 -9.21
N ILE D 141 12.49 -2.77 -10.34
CA ILE D 141 11.39 -2.42 -11.23
C ILE D 141 10.13 -3.20 -10.86
N SER D 142 8.98 -2.61 -11.18
CA SER D 142 7.69 -3.30 -11.17
C SER D 142 6.83 -2.73 -12.30
N SER D 143 5.74 -3.42 -12.66
CA SER D 143 4.80 -2.86 -13.62
C SER D 143 4.34 -1.48 -13.16
N SER D 144 3.86 -1.41 -11.92
CA SER D 144 3.35 -0.17 -11.33
C SER D 144 4.33 0.98 -11.48
N LEU D 145 5.60 0.71 -11.17
CA LEU D 145 6.62 1.75 -11.18
C LEU D 145 6.90 2.20 -12.60
N VAL D 146 7.03 1.26 -13.52
CA VAL D 146 7.30 1.57 -14.92
C VAL D 146 6.19 2.45 -15.47
N LYS D 147 4.93 2.15 -15.09
CA LYS D 147 3.80 2.92 -15.57
C LYS D 147 3.83 4.34 -15.04
N GLU D 148 4.11 4.51 -13.74
CA GLU D 148 4.09 5.82 -13.10
C GLU D 148 5.22 6.67 -13.68
N VAL D 149 6.39 6.07 -13.90
CA VAL D 149 7.49 6.77 -14.53
C VAL D 149 7.10 7.22 -15.94
N ALA D 150 6.50 6.31 -16.71
CA ALA D 150 6.15 6.57 -18.10
C ALA D 150 5.04 7.63 -18.19
N ARG D 151 4.14 7.66 -17.21
CA ARG D 151 3.04 8.61 -17.16
C ARG D 151 3.56 10.04 -17.09
N HIS D 152 4.76 10.24 -16.56
CA HIS D 152 5.40 11.54 -16.51
C HIS D 152 6.65 11.54 -17.38
N ALA D 153 6.62 10.79 -18.48
CA ALA D 153 7.58 10.88 -19.57
C ALA D 153 9.00 10.46 -19.18
N GLY D 154 9.17 9.74 -18.06
CA GLY D 154 10.45 9.15 -17.72
C GLY D 154 10.82 8.01 -18.69
N ASP D 155 12.12 7.78 -18.83
CA ASP D 155 12.63 6.80 -19.78
C ASP D 155 12.55 5.39 -19.18
N VAL D 156 11.79 4.51 -19.84
CA VAL D 156 11.61 3.14 -19.38
C VAL D 156 11.94 2.15 -20.50
N THR D 157 12.73 2.59 -21.48
CA THR D 157 13.04 1.77 -22.64
C THR D 157 13.85 0.55 -22.23
N HIS D 158 14.56 0.64 -21.10
CA HIS D 158 15.47 -0.40 -20.66
C HIS D 158 14.73 -1.51 -19.89
N PHE D 159 13.48 -1.25 -19.51
CA PHE D 159 12.74 -2.13 -18.61
C PHE D 159 11.67 -2.94 -19.34
N LEU D 160 11.39 -2.65 -20.61
CA LEU D 160 10.29 -3.29 -21.32
C LEU D 160 10.79 -3.85 -22.66
N PRO D 161 10.19 -4.94 -23.17
CA PRO D 161 10.40 -5.32 -24.58
C PRO D 161 9.76 -4.28 -25.48
N ALA D 162 10.26 -4.17 -26.71
CA ALA D 162 9.87 -3.12 -27.65
C ALA D 162 8.36 -3.08 -27.87
N ASN D 163 7.74 -4.26 -28.03
CA ASN D 163 6.31 -4.33 -28.33
C ASN D 163 5.50 -3.72 -27.19
N VAL D 164 5.94 -3.95 -25.94
CA VAL D 164 5.24 -3.44 -24.77
C VAL D 164 5.47 -1.94 -24.65
N HIS D 165 6.70 -1.51 -24.97
CA HIS D 165 7.05 -0.10 -24.90
C HIS D 165 6.16 0.70 -25.85
N GLN D 166 6.04 0.23 -27.09
CA GLN D 166 5.22 0.89 -28.11
C GLN D 166 3.77 0.98 -27.64
N ALA D 167 3.23 -0.11 -27.09
CA ALA D 167 1.84 -0.15 -26.68
C ALA D 167 1.59 0.81 -25.52
N LEU D 168 2.57 0.93 -24.62
CA LEU D 168 2.44 1.79 -23.45
C LEU D 168 2.41 3.26 -23.89
N MET D 169 3.35 3.63 -24.78
CA MET D 169 3.41 4.96 -25.35
C MET D 169 2.06 5.34 -25.98
N GLU D 170 1.42 4.40 -26.67
CA GLU D 170 0.13 4.64 -27.31
C GLU D 170 -0.97 4.87 -26.26
N LYS D 171 -0.91 4.14 -25.14
CA LYS D 171 -1.91 4.28 -24.09
C LYS D 171 -1.85 5.66 -23.45
N LEU D 172 -0.68 6.30 -23.50
CA LEU D 172 -0.45 7.57 -22.83
C LEU D 172 -0.50 8.72 -23.85
N LYS D 173 -0.59 8.37 -25.15
CA LYS D 173 -1.02 9.27 -26.21
C LYS D 173 -0.01 10.42 -26.37
N MET E 15 -24.56 -3.33 -4.47
CA MET E 15 -23.93 -3.06 -3.15
C MET E 15 -22.86 -1.97 -3.23
N SER E 16 -22.20 -1.82 -4.40
CA SER E 16 -21.31 -0.67 -4.60
C SER E 16 -22.12 0.53 -5.11
N THR E 17 -21.99 1.69 -4.45
CA THR E 17 -22.91 2.81 -4.66
C THR E 17 -22.09 4.04 -5.04
N LYS E 18 -22.55 4.72 -6.09
CA LYS E 18 -21.92 5.96 -6.53
C LYS E 18 -23.01 6.99 -6.79
N ALA E 19 -22.95 8.10 -6.03
CA ALA E 19 -23.99 9.10 -6.03
C ALA E 19 -23.47 10.40 -6.62
N ILE E 20 -24.36 11.09 -7.35
CA ILE E 20 -24.15 12.44 -7.82
C ILE E 20 -25.03 13.37 -7.01
N TYR E 21 -24.46 14.50 -6.57
CA TYR E 21 -25.20 15.57 -5.90
C TYR E 21 -25.08 16.81 -6.76
N PRO E 22 -26.04 17.04 -7.69
CA PRO E 22 -25.99 18.20 -8.58
C PRO E 22 -26.56 19.49 -8.00
N GLY E 23 -26.08 20.60 -8.53
CA GLY E 23 -26.49 21.93 -8.13
C GLY E 23 -25.68 22.98 -8.90
N THR E 24 -26.02 24.25 -8.63
CA THR E 24 -25.26 25.37 -9.15
C THR E 24 -24.16 25.74 -8.15
N PHE E 25 -24.41 25.55 -6.85
CA PHE E 25 -23.41 25.76 -5.80
C PHE E 25 -22.67 27.08 -6.03
N ASP E 26 -23.44 28.19 -5.94
CA ASP E 26 -22.98 29.52 -6.28
C ASP E 26 -23.19 30.48 -5.11
N PRO E 27 -22.37 30.42 -4.04
CA PRO E 27 -21.41 29.34 -3.81
C PRO E 27 -21.92 28.24 -2.88
N ILE E 28 -21.11 27.20 -2.70
CA ILE E 28 -21.42 26.14 -1.74
C ILE E 28 -21.57 26.74 -0.34
N THR E 29 -22.58 26.28 0.40
CA THR E 29 -22.84 26.73 1.75
C THR E 29 -22.69 25.56 2.73
N ASN E 30 -22.81 25.86 4.02
CA ASN E 30 -22.76 24.87 5.08
C ASN E 30 -23.93 23.91 4.92
N GLY E 31 -25.02 24.37 4.30
CA GLY E 31 -26.16 23.52 4.05
C GLY E 31 -25.82 22.39 3.08
N HIS E 32 -25.17 22.77 1.98
CA HIS E 32 -24.69 21.83 1.00
C HIS E 32 -23.68 20.86 1.62
N ILE E 33 -22.78 21.40 2.45
CA ILE E 33 -21.73 20.62 3.06
C ILE E 33 -22.33 19.55 3.96
N ASP E 34 -23.39 19.93 4.70
CA ASP E 34 -24.10 19.00 5.56
C ASP E 34 -24.72 17.86 4.74
N ILE E 35 -25.41 18.21 3.65
CA ILE E 35 -26.04 17.21 2.79
C ILE E 35 -24.98 16.22 2.30
N ILE E 36 -23.87 16.73 1.74
CA ILE E 36 -22.91 15.86 1.06
C ILE E 36 -22.16 15.01 2.09
N THR E 37 -21.92 15.56 3.28
CA THR E 37 -21.25 14.84 4.35
C THR E 37 -22.11 13.64 4.75
N ARG E 38 -23.42 13.86 4.88
CA ARG E 38 -24.37 12.81 5.23
C ARG E 38 -24.43 11.75 4.12
N ALA E 39 -24.47 12.19 2.87
CA ALA E 39 -24.56 11.27 1.74
C ALA E 39 -23.28 10.45 1.63
N ALA E 40 -22.13 11.08 1.89
CA ALA E 40 -20.84 10.43 1.79
C ALA E 40 -20.67 9.37 2.90
N SER E 41 -21.47 9.47 3.96
CA SER E 41 -21.43 8.47 5.02
C SER E 41 -22.22 7.21 4.64
N MET E 42 -23.13 7.32 3.66
CA MET E 42 -24.02 6.23 3.31
C MET E 42 -23.67 5.60 1.96
N PHE E 43 -22.95 6.34 1.10
CA PHE E 43 -22.65 5.87 -0.23
C PHE E 43 -21.13 5.81 -0.41
N ASP E 44 -20.67 4.85 -1.21
CA ASP E 44 -19.26 4.55 -1.35
C ASP E 44 -18.52 5.76 -1.91
N ARG E 45 -19.09 6.34 -2.97
CA ARG E 45 -18.55 7.54 -3.59
C ARG E 45 -19.66 8.56 -3.85
N VAL E 46 -19.30 9.84 -3.73
CA VAL E 46 -20.21 10.92 -4.04
C VAL E 46 -19.48 11.94 -4.94
N ILE E 47 -20.15 12.35 -6.01
CA ILE E 47 -19.67 13.45 -6.84
C ILE E 47 -20.57 14.66 -6.62
N LEU E 48 -19.95 15.77 -6.20
CA LEU E 48 -20.61 17.07 -6.27
C LEU E 48 -20.56 17.56 -7.70
N ALA E 49 -21.70 17.51 -8.41
CA ALA E 49 -21.80 17.86 -9.81
C ALA E 49 -22.24 19.32 -9.94
N ILE E 50 -21.32 20.20 -10.35
CA ILE E 50 -21.61 21.64 -10.44
C ILE E 50 -22.01 21.98 -11.88
N ALA E 51 -23.24 22.47 -12.05
CA ALA E 51 -23.74 22.84 -13.36
C ALA E 51 -22.93 23.99 -13.95
N ALA E 52 -22.37 23.76 -15.16
CA ALA E 52 -21.51 24.73 -15.82
C ALA E 52 -22.27 25.98 -16.28
N SER E 53 -23.40 25.78 -16.95
CA SER E 53 -24.13 26.85 -17.63
C SER E 53 -25.55 26.95 -17.09
N PRO E 54 -25.76 27.41 -15.84
CA PRO E 54 -27.12 27.62 -15.32
C PRO E 54 -27.79 28.76 -16.08
N SER E 55 -29.13 28.69 -16.19
CA SER E 55 -29.86 29.62 -17.05
C SER E 55 -29.78 31.04 -16.53
N LYS E 56 -29.76 31.21 -15.19
CA LYS E 56 -29.34 32.45 -14.55
C LYS E 56 -27.81 32.51 -14.38
N LYS E 57 -27.22 33.60 -14.83
CA LYS E 57 -25.77 33.78 -14.79
C LYS E 57 -25.30 33.86 -13.34
N PRO E 58 -24.37 32.98 -12.91
CA PRO E 58 -23.96 32.91 -11.50
C PRO E 58 -22.95 33.99 -11.12
N MET E 59 -22.83 34.26 -9.82
CA MET E 59 -21.87 35.22 -9.30
C MET E 59 -20.45 34.68 -9.50
N PHE E 60 -20.24 33.40 -9.14
CA PHE E 60 -18.97 32.74 -9.37
C PHE E 60 -19.09 31.93 -10.68
N ASP E 61 -18.00 31.88 -11.47
CA ASP E 61 -17.98 31.03 -12.66
C ASP E 61 -17.70 29.58 -12.24
N LEU E 62 -17.75 28.66 -13.20
CA LEU E 62 -17.61 27.24 -12.92
C LEU E 62 -16.28 26.96 -12.24
N GLU E 63 -15.21 27.58 -12.76
CA GLU E 63 -13.87 27.35 -12.23
C GLU E 63 -13.85 27.72 -10.75
N GLU E 64 -14.45 28.87 -10.41
CA GLU E 64 -14.42 29.39 -9.05
C GLU E 64 -15.28 28.51 -8.13
N ARG E 65 -16.47 28.14 -8.62
CA ARG E 65 -17.40 27.29 -7.87
C ARG E 65 -16.74 25.95 -7.56
N VAL E 66 -16.14 25.33 -8.59
CA VAL E 66 -15.47 24.05 -8.45
C VAL E 66 -14.30 24.16 -7.48
N ALA E 67 -13.56 25.26 -7.56
CA ALA E 67 -12.37 25.45 -6.73
C ALA E 67 -12.75 25.61 -5.26
N LEU E 68 -13.79 26.42 -5.02
CA LEU E 68 -14.28 26.65 -3.67
C LEU E 68 -14.83 25.37 -3.04
N ALA E 69 -15.64 24.64 -3.82
CA ALA E 69 -16.27 23.41 -3.35
C ALA E 69 -15.21 22.36 -3.05
N THR E 70 -14.20 22.24 -3.93
CA THR E 70 -13.12 21.28 -3.75
C THR E 70 -12.44 21.51 -2.40
N THR E 71 -12.10 22.77 -2.12
CA THR E 71 -11.42 23.12 -0.88
C THR E 71 -12.33 22.83 0.34
N ALA E 72 -13.62 23.14 0.23
CA ALA E 72 -14.56 22.97 1.34
C ALA E 72 -14.84 21.50 1.65
N LEU E 73 -14.61 20.62 0.65
CA LEU E 73 -14.94 19.21 0.78
C LEU E 73 -13.71 18.31 0.71
N GLN E 74 -12.51 18.90 0.88
CA GLN E 74 -11.25 18.20 0.70
C GLN E 74 -11.08 17.14 1.79
N HIS E 75 -11.64 17.44 2.96
CA HIS E 75 -11.54 16.59 4.15
C HIS E 75 -12.39 15.32 4.05
N LEU E 76 -13.24 15.22 3.01
CA LEU E 76 -14.10 14.06 2.81
C LEU E 76 -13.44 13.18 1.76
N PRO E 77 -12.97 11.97 2.14
CA PRO E 77 -12.11 11.18 1.27
C PRO E 77 -12.80 10.56 0.07
N ASN E 78 -14.11 10.31 0.17
CA ASN E 78 -14.86 9.61 -0.88
C ASN E 78 -15.69 10.59 -1.73
N VAL E 79 -15.33 11.89 -1.68
CA VAL E 79 -16.09 12.91 -2.39
C VAL E 79 -15.19 13.54 -3.46
N GLU E 80 -15.75 13.74 -4.65
CA GLU E 80 -15.07 14.39 -5.75
C GLU E 80 -15.97 15.51 -6.30
N VAL E 81 -15.35 16.64 -6.69
CA VAL E 81 -16.07 17.79 -7.22
C VAL E 81 -15.79 17.86 -8.72
N MET E 82 -16.84 17.99 -9.53
CA MET E 82 -16.73 18.14 -10.97
C MET E 82 -17.77 19.12 -11.51
N GLY E 83 -17.46 19.78 -12.63
CA GLY E 83 -18.43 20.51 -13.43
C GLY E 83 -19.08 19.60 -14.47
N PHE E 84 -20.28 19.94 -14.94
CA PHE E 84 -20.95 19.16 -15.97
C PHE E 84 -21.87 20.10 -16.75
N SER E 85 -21.99 19.83 -18.06
CA SER E 85 -22.65 20.74 -18.96
C SER E 85 -23.65 19.98 -19.85
N ASP E 86 -24.23 18.89 -19.36
CA ASP E 86 -25.03 18.04 -20.22
C ASP E 86 -26.22 17.50 -19.40
N LEU E 87 -26.99 16.61 -20.05
CA LEU E 87 -28.12 15.96 -19.44
C LEU E 87 -27.61 15.20 -18.21
N MET E 88 -28.27 15.37 -17.05
CA MET E 88 -27.87 14.65 -15.86
C MET E 88 -27.89 13.15 -16.13
N ALA E 89 -28.75 12.66 -17.02
CA ALA E 89 -28.76 11.24 -17.36
C ALA E 89 -27.44 10.81 -18.01
N ASN E 90 -26.94 11.63 -18.96
CA ASN E 90 -25.75 11.27 -19.70
C ASN E 90 -24.50 11.40 -18.84
N PHE E 91 -24.48 12.39 -17.96
CA PHE E 91 -23.37 12.59 -17.04
C PHE E 91 -23.31 11.41 -16.06
N ALA E 92 -24.49 11.03 -15.53
CA ALA E 92 -24.56 9.96 -14.56
C ALA E 92 -24.11 8.66 -15.20
N ARG E 93 -24.53 8.43 -16.45
CA ARG E 93 -24.15 7.22 -17.17
C ARG E 93 -22.64 7.24 -17.40
N ALA E 94 -22.09 8.39 -17.81
CA ALA E 94 -20.66 8.54 -18.03
C ALA E 94 -19.86 8.26 -16.76
N GLN E 95 -20.39 8.66 -15.59
CA GLN E 95 -19.67 8.53 -14.34
C GLN E 95 -20.01 7.19 -13.67
N GLN E 96 -20.83 6.35 -14.31
CA GLN E 96 -21.25 5.07 -13.76
C GLN E 96 -21.93 5.27 -12.40
N ALA E 97 -22.69 6.35 -12.28
CA ALA E 97 -23.41 6.66 -11.05
C ALA E 97 -24.78 5.98 -11.11
N ASN E 98 -25.29 5.53 -9.96
CA ASN E 98 -26.56 4.84 -9.85
C ASN E 98 -27.49 5.54 -8.85
N ILE E 99 -27.01 6.63 -8.22
CA ILE E 99 -27.80 7.36 -7.23
C ILE E 99 -27.71 8.85 -7.53
N LEU E 100 -28.83 9.54 -7.36
CA LEU E 100 -28.91 10.99 -7.46
C LEU E 100 -29.40 11.57 -6.14
N ILE E 101 -28.54 12.34 -5.47
CA ILE E 101 -28.83 13.01 -4.20
C ILE E 101 -29.45 14.35 -4.51
N ARG E 102 -30.56 14.68 -3.85
CA ARG E 102 -31.11 16.02 -3.86
C ARG E 102 -31.47 16.41 -2.44
N GLY E 103 -31.08 17.63 -2.03
CA GLY E 103 -31.54 18.21 -0.77
C GLY E 103 -32.94 18.79 -0.93
N LEU E 104 -33.79 18.62 0.08
CA LEU E 104 -35.18 19.04 0.02
C LEU E 104 -35.47 20.00 1.17
N ARG E 105 -35.47 21.31 0.87
CA ARG E 105 -35.61 22.36 1.87
C ARG E 105 -37.06 22.83 2.00
N ALA E 106 -37.69 23.16 0.87
CA ALA E 106 -39.02 23.75 0.87
C ALA E 106 -40.04 22.82 0.22
N VAL E 107 -41.32 23.07 0.52
CA VAL E 107 -42.45 22.38 -0.07
C VAL E 107 -42.54 22.71 -1.57
N ALA E 108 -42.21 23.96 -1.90
CA ALA E 108 -42.25 24.43 -3.28
C ALA E 108 -41.29 23.61 -4.15
N ASP E 109 -40.12 23.27 -3.58
CA ASP E 109 -39.08 22.54 -4.31
C ASP E 109 -39.48 21.09 -4.56
N PHE E 110 -40.20 20.49 -3.59
CA PHE E 110 -40.53 19.06 -3.64
C PHE E 110 -41.29 18.76 -4.93
N GLU E 111 -42.26 19.61 -5.30
CA GLU E 111 -43.07 19.40 -6.48
C GLU E 111 -42.19 19.31 -7.72
N TYR E 112 -41.29 20.28 -7.87
CA TYR E 112 -40.42 20.39 -9.03
C TYR E 112 -39.49 19.18 -9.08
N GLU E 113 -38.98 18.78 -7.91
CA GLU E 113 -38.02 17.68 -7.82
C GLU E 113 -38.69 16.34 -8.11
N MET E 114 -39.97 16.18 -7.74
CA MET E 114 -40.73 14.98 -8.07
C MET E 114 -40.92 14.87 -9.58
N GLN E 115 -41.20 16.02 -10.22
CA GLN E 115 -41.38 16.09 -11.67
C GLN E 115 -40.08 15.67 -12.36
N LEU E 116 -38.97 16.26 -11.90
CA LEU E 116 -37.65 15.96 -12.46
C LEU E 116 -37.28 14.49 -12.24
N ALA E 117 -37.63 13.93 -11.08
CA ALA E 117 -37.31 12.55 -10.78
C ALA E 117 -38.05 11.62 -11.73
N HIS E 118 -39.31 11.94 -12.04
CA HIS E 118 -40.10 11.15 -12.98
C HIS E 118 -39.50 11.22 -14.39
N MET E 119 -38.99 12.41 -14.76
CA MET E 119 -38.35 12.56 -16.07
C MET E 119 -37.04 11.78 -16.10
N ASN E 120 -36.21 11.92 -15.07
CA ASN E 120 -34.96 11.16 -14.98
C ASN E 120 -35.24 9.66 -14.94
N ARG E 121 -36.34 9.21 -14.35
CA ARG E 121 -36.68 7.79 -14.38
C ARG E 121 -36.94 7.32 -15.81
N HIS E 122 -37.54 8.21 -16.62
CA HIS E 122 -37.79 7.95 -18.04
C HIS E 122 -36.45 7.91 -18.82
N LEU E 123 -35.57 8.86 -18.55
CA LEU E 123 -34.30 8.97 -19.24
C LEU E 123 -33.32 7.87 -18.81
N MET E 124 -33.24 7.60 -17.51
CA MET E 124 -32.29 6.66 -16.94
C MET E 124 -32.99 5.86 -15.84
N PRO E 125 -33.67 4.74 -16.18
CA PRO E 125 -34.38 3.93 -15.19
C PRO E 125 -33.52 3.38 -14.06
N GLU E 126 -32.20 3.23 -14.32
CA GLU E 126 -31.30 2.59 -13.37
C GLU E 126 -30.71 3.62 -12.39
N LEU E 127 -31.09 4.90 -12.55
CA LEU E 127 -30.69 5.96 -11.64
C LEU E 127 -31.79 6.15 -10.59
N GLU E 128 -31.42 6.00 -9.31
CA GLU E 128 -32.36 6.17 -8.21
CA GLU E 128 -32.38 6.17 -8.22
C GLU E 128 -32.18 7.55 -7.60
N SER E 129 -33.27 8.33 -7.54
CA SER E 129 -33.22 9.64 -6.91
C SER E 129 -33.52 9.47 -5.43
N VAL E 130 -32.71 10.13 -4.59
CA VAL E 130 -32.82 10.04 -3.14
C VAL E 130 -32.85 11.46 -2.57
N PHE E 131 -33.72 11.68 -1.57
CA PHE E 131 -33.95 13.00 -1.02
C PHE E 131 -33.51 13.03 0.44
N LEU E 132 -32.74 14.07 0.81
CA LEU E 132 -32.37 14.33 2.19
C LEU E 132 -32.93 15.69 2.63
N MET E 133 -33.46 15.74 3.85
CA MET E 133 -33.88 17.00 4.46
C MET E 133 -32.62 17.67 4.99
N PRO E 134 -32.50 19.01 4.93
CA PRO E 134 -31.36 19.68 5.51
C PRO E 134 -31.52 19.66 7.03
N SER E 135 -30.39 19.78 7.75
N SER E 135 -30.38 19.78 7.74
CA SER E 135 -30.41 19.96 9.19
CA SER E 135 -30.40 19.96 9.19
C SER E 135 -31.22 21.20 9.54
C SER E 135 -31.22 21.20 9.54
N LYS E 136 -31.75 21.22 10.77
CA LYS E 136 -32.56 22.34 11.25
C LYS E 136 -31.74 23.64 11.18
N GLU E 137 -30.45 23.55 11.51
CA GLU E 137 -29.52 24.66 11.49
C GLU E 137 -29.46 25.36 10.13
N TRP E 138 -29.55 24.58 9.04
CA TRP E 138 -29.33 25.09 7.69
C TRP E 138 -30.64 25.19 6.90
N SER E 139 -31.78 25.07 7.58
CA SER E 139 -33.05 24.83 6.92
C SER E 139 -33.57 26.08 6.20
N PHE E 140 -33.07 27.26 6.55
CA PHE E 140 -33.57 28.48 5.89
C PHE E 140 -32.52 29.07 4.94
N ILE E 141 -31.29 28.54 4.94
CA ILE E 141 -30.25 29.19 4.17
C ILE E 141 -30.23 28.63 2.75
N SER E 142 -29.94 29.54 1.83
CA SER E 142 -29.73 29.22 0.44
C SER E 142 -28.53 30.04 -0.05
N SER E 143 -27.93 29.61 -1.16
CA SER E 143 -26.89 30.40 -1.78
C SER E 143 -27.40 31.83 -2.01
N SER E 144 -28.55 31.94 -2.68
CA SER E 144 -29.17 33.21 -3.04
C SER E 144 -29.30 34.14 -1.83
N LEU E 145 -29.75 33.59 -0.71
CA LEU E 145 -30.03 34.38 0.47
C LEU E 145 -28.73 34.84 1.09
N VAL E 146 -27.74 33.95 1.20
CA VAL E 146 -26.45 34.30 1.78
C VAL E 146 -25.81 35.44 0.97
N LYS E 147 -25.95 35.39 -0.36
CA LYS E 147 -25.38 36.40 -1.23
C LYS E 147 -26.04 37.76 -0.97
N GLU E 148 -27.38 37.78 -0.90
CA GLU E 148 -28.14 39.01 -0.77
C GLU E 148 -27.84 39.64 0.60
N VAL E 149 -27.76 38.82 1.65
CA VAL E 149 -27.39 39.30 2.97
C VAL E 149 -25.99 39.93 2.92
N ALA E 150 -25.04 39.21 2.31
CA ALA E 150 -23.65 39.63 2.30
C ALA E 150 -23.47 40.91 1.48
N ARG E 151 -24.26 41.05 0.41
CA ARG E 151 -24.21 42.20 -0.49
C ARG E 151 -24.48 43.50 0.27
N HIS E 152 -25.29 43.40 1.33
CA HIS E 152 -25.66 44.54 2.16
C HIS E 152 -25.11 44.32 3.57
N ALA E 153 -23.89 43.76 3.63
CA ALA E 153 -23.02 43.82 4.79
C ALA E 153 -23.55 43.04 5.98
N GLY E 154 -24.53 42.13 5.78
CA GLY E 154 -24.92 41.22 6.85
C GLY E 154 -23.82 40.19 7.13
N ASP E 155 -23.72 39.75 8.38
CA ASP E 155 -22.77 38.72 8.79
C ASP E 155 -23.25 37.35 8.28
N VAL E 156 -22.38 36.68 7.51
CA VAL E 156 -22.67 35.36 6.98
C VAL E 156 -21.55 34.38 7.35
N THR E 157 -20.78 34.67 8.40
CA THR E 157 -19.63 33.86 8.75
C THR E 157 -20.10 32.48 9.22
N HIS E 158 -21.34 32.38 9.72
CA HIS E 158 -21.81 31.13 10.31
C HIS E 158 -22.44 30.22 9.25
N PHE E 159 -22.61 30.72 8.02
CA PHE E 159 -23.30 29.97 6.98
C PHE E 159 -22.34 29.41 5.91
N LEU E 160 -21.06 29.83 5.94
CA LEU E 160 -20.11 29.47 4.90
C LEU E 160 -18.84 28.92 5.54
N PRO E 161 -18.11 28.01 4.88
CA PRO E 161 -16.73 27.70 5.29
C PRO E 161 -15.85 28.92 5.00
N ALA E 162 -14.72 29.01 5.73
CA ALA E 162 -13.85 30.17 5.72
C ALA E 162 -13.41 30.54 4.30
N ASN E 163 -13.02 29.55 3.49
CA ASN E 163 -12.47 29.81 2.18
C ASN E 163 -13.54 30.47 1.30
N VAL E 164 -14.81 30.05 1.45
CA VAL E 164 -15.90 30.58 0.67
C VAL E 164 -16.23 31.98 1.14
N HIS E 165 -16.19 32.16 2.47
CA HIS E 165 -16.46 33.48 3.06
C HIS E 165 -15.48 34.50 2.50
N GLN E 166 -14.18 34.19 2.52
CA GLN E 166 -13.16 35.10 2.05
C GLN E 166 -13.40 35.44 0.58
N ALA E 167 -13.71 34.43 -0.25
CA ALA E 167 -13.89 34.65 -1.68
C ALA E 167 -15.10 35.53 -1.95
N LEU E 168 -16.16 35.36 -1.15
CA LEU E 168 -17.37 36.15 -1.32
C LEU E 168 -17.10 37.62 -0.98
N MET E 169 -16.44 37.84 0.16
CA MET E 169 -16.03 39.17 0.58
C MET E 169 -15.21 39.86 -0.51
N GLU E 170 -14.32 39.12 -1.17
CA GLU E 170 -13.50 39.66 -2.25
C GLU E 170 -14.36 40.04 -3.46
N LYS E 171 -15.40 39.26 -3.76
CA LYS E 171 -16.27 39.55 -4.90
C LYS E 171 -17.01 40.86 -4.69
N LEU E 172 -17.20 41.26 -3.41
CA LEU E 172 -17.99 42.43 -3.07
C LEU E 172 -17.11 43.63 -2.70
N LYS E 173 -15.84 43.68 -3.14
CA LYS E 173 -14.99 44.85 -2.97
C LYS E 173 -14.53 45.35 -4.36
N MET F 1 -5.38 -0.62 13.19
CA MET F 1 -5.79 0.74 13.63
C MET F 1 -6.72 0.67 14.84
N ALA F 2 -7.44 -0.45 14.96
CA ALA F 2 -8.36 -0.74 16.07
C ALA F 2 -7.74 -0.45 17.44
N SER F 3 -6.44 -0.77 17.62
CA SER F 3 -5.68 -0.48 18.83
C SER F 3 -5.73 1.00 19.18
N MET F 4 -5.88 1.85 18.15
CA MET F 4 -5.94 3.30 18.29
C MET F 4 -7.37 3.79 18.30
N THR F 5 -8.21 3.27 17.39
CA THR F 5 -9.56 3.80 17.28
C THR F 5 -10.55 2.74 16.78
N GLY F 6 -11.78 2.84 17.31
CA GLY F 6 -12.91 2.06 16.83
C GLY F 6 -13.56 2.73 15.62
N GLY F 7 -13.37 4.06 15.49
CA GLY F 7 -13.74 4.81 14.29
C GLY F 7 -15.13 5.45 14.40
N GLN F 8 -15.29 6.63 13.81
CA GLN F 8 -16.56 7.33 13.87
C GLN F 8 -17.26 7.29 12.50
N GLN F 9 -18.49 7.84 12.48
CA GLN F 9 -19.46 7.60 11.42
C GLN F 9 -19.19 8.54 10.24
N MET F 10 -18.83 9.81 10.51
CA MET F 10 -18.89 10.85 9.49
C MET F 10 -17.48 11.34 9.12
N GLY F 11 -17.28 11.58 7.81
CA GLY F 11 -16.07 12.19 7.31
C GLY F 11 -14.94 11.19 7.03
N ARG F 12 -15.26 9.89 7.14
CA ARG F 12 -14.26 8.83 7.03
C ARG F 12 -14.63 7.85 5.93
N GLY F 13 -15.54 8.26 5.03
CA GLY F 13 -15.94 7.43 3.91
C GLY F 13 -17.24 6.69 4.18
N SER F 14 -17.44 5.59 3.44
CA SER F 14 -18.67 4.81 3.50
C SER F 14 -18.63 3.79 4.64
N MET F 15 -19.75 3.71 5.35
CA MET F 15 -19.92 2.80 6.47
C MET F 15 -20.99 1.79 6.05
N SER F 16 -21.13 0.71 6.83
CA SER F 16 -22.21 -0.24 6.68
C SER F 16 -23.54 0.45 6.88
N THR F 17 -24.55 0.07 6.07
CA THR F 17 -25.86 0.70 6.16
C THR F 17 -26.90 -0.36 6.51
N LYS F 18 -27.69 -0.05 7.53
CA LYS F 18 -28.85 -0.84 7.89
C LYS F 18 -30.04 0.10 8.03
N ALA F 19 -31.06 -0.13 7.21
CA ALA F 19 -32.22 0.74 7.11
C ALA F 19 -33.45 0.07 7.70
N ILE F 20 -34.29 0.87 8.38
CA ILE F 20 -35.62 0.46 8.71
C ILE F 20 -36.61 1.21 7.81
N TYR F 21 -37.62 0.47 7.33
CA TYR F 21 -38.75 1.04 6.62
C TYR F 21 -40.01 0.72 7.41
N PRO F 22 -40.44 1.61 8.34
CA PRO F 22 -41.65 1.39 9.13
C PRO F 22 -42.96 1.80 8.46
N GLY F 23 -44.04 1.16 8.92
CA GLY F 23 -45.38 1.38 8.42
C GLY F 23 -46.36 0.41 9.07
N THR F 24 -47.65 0.54 8.72
CA THR F 24 -48.68 -0.40 9.17
C THR F 24 -48.80 -1.56 8.17
N PHE F 25 -48.57 -1.30 6.89
CA PHE F 25 -48.55 -2.32 5.84
C PHE F 25 -49.77 -3.23 5.98
N ASP F 26 -50.95 -2.63 5.82
CA ASP F 26 -52.23 -3.26 6.11
C ASP F 26 -53.14 -3.17 4.89
N PRO F 27 -52.94 -3.97 3.83
CA PRO F 27 -51.74 -4.79 3.66
C PRO F 27 -50.67 -4.14 2.80
N ILE F 28 -49.52 -4.82 2.69
CA ILE F 28 -48.43 -4.34 1.85
C ILE F 28 -48.94 -4.25 0.40
N THR F 29 -48.57 -3.18 -0.30
CA THR F 29 -48.98 -2.96 -1.68
C THR F 29 -47.74 -2.98 -2.58
N ASN F 30 -47.98 -2.91 -3.89
CA ASN F 30 -46.92 -2.84 -4.88
C ASN F 30 -46.12 -1.55 -4.67
N GLY F 31 -46.75 -0.53 -4.09
CA GLY F 31 -46.10 0.72 -3.79
C GLY F 31 -45.01 0.53 -2.75
N HIS F 32 -45.37 -0.16 -1.67
CA HIS F 32 -44.43 -0.49 -0.61
C HIS F 32 -43.29 -1.37 -1.14
N ILE F 33 -43.65 -2.34 -1.98
CA ILE F 33 -42.70 -3.28 -2.54
C ILE F 33 -41.67 -2.54 -3.37
N ASP F 34 -42.14 -1.56 -4.14
CA ASP F 34 -41.27 -0.73 -4.98
C ASP F 34 -40.31 0.06 -4.10
N ILE F 35 -40.82 0.71 -3.05
CA ILE F 35 -39.97 1.50 -2.16
C ILE F 35 -38.88 0.61 -1.57
N ILE F 36 -39.25 -0.56 -1.03
CA ILE F 36 -38.28 -1.36 -0.30
C ILE F 36 -37.28 -2.00 -1.27
N THR F 37 -37.73 -2.31 -2.48
CA THR F 37 -36.86 -2.87 -3.50
C THR F 37 -35.76 -1.88 -3.84
N ARG F 38 -36.15 -0.61 -4.00
CA ARG F 38 -35.23 0.47 -4.32
C ARG F 38 -34.26 0.72 -3.16
N ALA F 39 -34.78 0.69 -1.92
CA ALA F 39 -33.94 0.92 -0.76
C ALA F 39 -32.92 -0.22 -0.61
N ALA F 40 -33.39 -1.46 -0.87
CA ALA F 40 -32.56 -2.64 -0.72
C ALA F 40 -31.44 -2.67 -1.76
N SER F 41 -31.60 -1.92 -2.86
CA SER F 41 -30.58 -1.83 -3.89
C SER F 41 -29.45 -0.88 -3.48
N MET F 42 -29.70 0.02 -2.51
CA MET F 42 -28.73 1.05 -2.19
C MET F 42 -28.21 0.96 -0.75
N PHE F 43 -28.83 0.11 0.09
CA PHE F 43 -28.38 -0.07 1.47
C PHE F 43 -28.08 -1.55 1.69
N ASP F 44 -27.15 -1.84 2.61
CA ASP F 44 -26.65 -3.19 2.82
C ASP F 44 -27.78 -4.10 3.29
N ARG F 45 -28.56 -3.60 4.26
CA ARG F 45 -29.66 -4.34 4.86
C ARG F 45 -30.86 -3.42 5.05
N VAL F 46 -32.06 -3.98 4.94
CA VAL F 46 -33.29 -3.25 5.17
C VAL F 46 -34.22 -4.10 6.02
N ILE F 47 -34.86 -3.49 7.03
CA ILE F 47 -35.90 -4.13 7.80
C ILE F 47 -37.23 -3.43 7.46
N LEU F 48 -38.20 -4.23 6.98
CA LEU F 48 -39.59 -3.78 6.94
C LEU F 48 -40.16 -3.88 8.35
N ALA F 49 -40.34 -2.73 9.01
CA ALA F 49 -40.84 -2.69 10.38
C ALA F 49 -42.37 -2.48 10.38
N ILE F 50 -43.13 -3.52 10.76
CA ILE F 50 -44.58 -3.44 10.76
C ILE F 50 -45.12 -3.08 12.15
N ALA F 51 -45.81 -1.96 12.26
CA ALA F 51 -46.35 -1.49 13.53
C ALA F 51 -47.42 -2.44 14.07
N ALA F 52 -47.20 -2.94 15.30
CA ALA F 52 -48.06 -3.93 15.94
C ALA F 52 -49.45 -3.38 16.28
N SER F 53 -49.49 -2.23 16.96
CA SER F 53 -50.73 -1.70 17.54
C SER F 53 -50.99 -0.29 17.02
N PRO F 54 -51.33 -0.12 15.71
CA PRO F 54 -51.65 1.21 15.20
C PRO F 54 -52.95 1.74 15.83
N SER F 55 -53.11 3.06 15.80
CA SER F 55 -54.23 3.72 16.44
C SER F 55 -55.56 3.33 15.80
N LYS F 56 -55.57 3.17 14.47
CA LYS F 56 -56.72 2.64 13.75
C LYS F 56 -56.57 1.12 13.64
N LYS F 57 -57.58 0.37 14.08
CA LYS F 57 -57.53 -1.08 14.10
C LYS F 57 -57.35 -1.60 12.67
N PRO F 58 -56.30 -2.39 12.39
CA PRO F 58 -56.03 -2.83 11.03
C PRO F 58 -56.93 -4.00 10.59
N MET F 59 -57.10 -4.12 9.27
CA MET F 59 -57.87 -5.19 8.68
C MET F 59 -57.17 -6.54 8.88
N PHE F 60 -55.85 -6.56 8.63
CA PHE F 60 -55.01 -7.71 8.92
C PHE F 60 -54.32 -7.50 10.27
N ASP F 61 -54.18 -8.58 11.06
CA ASP F 61 -53.45 -8.48 12.32
C ASP F 61 -51.94 -8.55 12.03
N LEU F 62 -51.13 -8.35 13.06
CA LEU F 62 -49.68 -8.29 12.92
C LEU F 62 -49.14 -9.58 12.29
N GLU F 63 -49.63 -10.72 12.75
CA GLU F 63 -49.12 -12.00 12.25
C GLU F 63 -49.41 -12.10 10.75
N GLU F 64 -50.60 -11.67 10.32
CA GLU F 64 -50.99 -11.77 8.92
C GLU F 64 -50.19 -10.78 8.07
N ARG F 65 -50.03 -9.55 8.57
CA ARG F 65 -49.28 -8.51 7.88
C ARG F 65 -47.83 -8.95 7.68
N VAL F 66 -47.22 -9.45 8.77
CA VAL F 66 -45.85 -9.94 8.73
C VAL F 66 -45.72 -11.11 7.75
N ALA F 67 -46.70 -12.01 7.76
CA ALA F 67 -46.64 -13.21 6.93
C ALA F 67 -46.76 -12.84 5.45
N LEU F 68 -47.69 -11.94 5.14
CA LEU F 68 -47.91 -11.50 3.77
C LEU F 68 -46.69 -10.77 3.21
N ALA F 69 -46.13 -9.85 4.03
CA ALA F 69 -44.98 -9.07 3.63
C ALA F 69 -43.76 -9.96 3.41
N THR F 70 -43.55 -10.93 4.31
CA THR F 70 -42.44 -11.86 4.21
C THR F 70 -42.48 -12.59 2.88
N THR F 71 -43.67 -13.10 2.51
CA THR F 71 -43.84 -13.84 1.27
C THR F 71 -43.58 -12.93 0.07
N ALA F 72 -44.08 -11.68 0.13
CA ALA F 72 -43.98 -10.78 -1.02
C ALA F 72 -42.54 -10.29 -1.23
N LEU F 73 -41.72 -10.36 -0.17
CA LEU F 73 -40.38 -9.79 -0.20
C LEU F 73 -39.29 -10.86 -0.07
N GLN F 74 -39.66 -12.13 -0.27
CA GLN F 74 -38.74 -13.25 -0.12
C GLN F 74 -37.68 -13.21 -1.20
N HIS F 75 -37.99 -12.59 -2.37
CA HIS F 75 -37.04 -12.48 -3.47
C HIS F 75 -35.89 -11.51 -3.22
N LEU F 76 -35.99 -10.73 -2.12
CA LEU F 76 -34.98 -9.72 -1.80
C LEU F 76 -34.12 -10.27 -0.67
N PRO F 77 -32.83 -10.62 -0.94
CA PRO F 77 -32.01 -11.34 0.04
C PRO F 77 -31.58 -10.53 1.26
N ASN F 78 -31.50 -9.19 1.13
CA ASN F 78 -31.01 -8.32 2.19
C ASN F 78 -32.17 -7.65 2.94
N VAL F 79 -33.39 -8.19 2.82
CA VAL F 79 -34.56 -7.60 3.46
C VAL F 79 -35.08 -8.58 4.51
N GLU F 80 -35.43 -8.06 5.69
CA GLU F 80 -36.08 -8.84 6.73
C GLU F 80 -37.36 -8.12 7.18
N VAL F 81 -38.41 -8.87 7.49
CA VAL F 81 -39.68 -8.35 7.94
C VAL F 81 -39.83 -8.63 9.44
N MET F 82 -40.16 -7.60 10.24
CA MET F 82 -40.48 -7.80 11.65
C MET F 82 -41.52 -6.78 12.14
N GLY F 83 -42.26 -7.18 13.21
CA GLY F 83 -43.18 -6.30 13.90
C GLY F 83 -42.48 -5.49 14.97
N PHE F 84 -43.06 -4.35 15.40
CA PHE F 84 -42.50 -3.53 16.47
C PHE F 84 -43.63 -2.75 17.13
N SER F 85 -43.48 -2.48 18.44
CA SER F 85 -44.50 -1.75 19.19
C SER F 85 -43.86 -0.61 19.98
N ASP F 86 -43.05 0.21 19.31
CA ASP F 86 -42.39 1.33 19.97
C ASP F 86 -42.35 2.54 19.03
N LEU F 87 -41.69 3.62 19.44
CA LEU F 87 -41.30 4.68 18.51
C LEU F 87 -40.37 4.05 17.48
N MET F 88 -40.50 4.50 16.23
CA MET F 88 -39.61 4.06 15.18
C MET F 88 -38.14 4.32 15.55
N ALA F 89 -37.89 5.39 16.32
CA ALA F 89 -36.54 5.74 16.71
C ALA F 89 -35.98 4.72 17.70
N ASN F 90 -36.83 4.26 18.62
CA ASN F 90 -36.40 3.36 19.69
C ASN F 90 -36.16 1.97 19.10
N PHE F 91 -37.00 1.58 18.13
CA PHE F 91 -36.81 0.32 17.44
C PHE F 91 -35.53 0.38 16.60
N ALA F 92 -35.30 1.48 15.89
CA ALA F 92 -34.08 1.71 15.13
C ALA F 92 -32.84 1.55 16.01
N ARG F 93 -32.88 2.14 17.21
CA ARG F 93 -31.76 2.06 18.14
C ARG F 93 -31.57 0.61 18.57
N ALA F 94 -32.67 -0.07 18.89
CA ALA F 94 -32.63 -1.48 19.29
C ALA F 94 -32.04 -2.35 18.17
N GLN F 95 -32.35 -2.04 16.90
CA GLN F 95 -31.92 -2.83 15.77
C GLN F 95 -30.58 -2.35 15.23
N GLN F 96 -29.97 -1.35 15.86
CA GLN F 96 -28.70 -0.81 15.41
C GLN F 96 -28.79 -0.34 13.96
N ALA F 97 -29.94 0.24 13.60
CA ALA F 97 -30.16 0.82 12.30
C ALA F 97 -29.63 2.26 12.31
N ASN F 98 -29.11 2.70 11.15
CA ASN F 98 -28.56 4.04 10.99
C ASN F 98 -29.27 4.79 9.86
N ILE F 99 -30.26 4.15 9.22
CA ILE F 99 -31.03 4.79 8.17
C ILE F 99 -32.51 4.52 8.40
N LEU F 100 -33.33 5.56 8.16
CA LEU F 100 -34.77 5.47 8.22
C LEU F 100 -35.34 5.81 6.85
N ILE F 101 -36.01 4.82 6.20
CA ILE F 101 -36.64 5.01 4.92
C ILE F 101 -38.04 5.56 5.12
N ARG F 102 -38.37 6.62 4.38
CA ARG F 102 -39.71 7.19 4.37
C ARG F 102 -40.12 7.40 2.92
N GLY F 103 -41.33 6.93 2.57
CA GLY F 103 -41.93 7.21 1.28
C GLY F 103 -42.54 8.60 1.26
N LEU F 104 -42.38 9.31 0.15
CA LEU F 104 -42.86 10.69 0.02
C LEU F 104 -43.81 10.76 -1.16
N ARG F 105 -45.13 10.71 -0.89
CA ARG F 105 -46.14 10.60 -1.92
C ARG F 105 -46.73 11.97 -2.27
N ALA F 106 -47.18 12.71 -1.25
CA ALA F 106 -47.89 13.96 -1.48
C ALA F 106 -47.08 15.15 -0.97
N VAL F 107 -47.37 16.33 -1.53
CA VAL F 107 -46.74 17.56 -1.08
C VAL F 107 -47.31 17.96 0.28
N ALA F 108 -48.55 17.56 0.58
CA ALA F 108 -49.16 17.78 1.88
C ALA F 108 -48.34 17.11 2.99
N ASP F 109 -47.78 15.93 2.69
CA ASP F 109 -47.04 15.14 3.66
C ASP F 109 -45.66 15.74 3.95
N PHE F 110 -45.07 16.50 3.04
CA PHE F 110 -43.71 16.99 3.17
C PHE F 110 -43.48 17.69 4.52
N GLU F 111 -44.42 18.58 4.89
CA GLU F 111 -44.35 19.34 6.12
C GLU F 111 -44.24 18.41 7.32
N TYR F 112 -45.15 17.42 7.38
CA TYR F 112 -45.23 16.48 8.49
C TYR F 112 -43.93 15.68 8.57
N GLU F 113 -43.44 15.24 7.39
CA GLU F 113 -42.25 14.40 7.30
C GLU F 113 -41.00 15.15 7.75
N MET F 114 -40.93 16.45 7.43
CA MET F 114 -39.81 17.28 7.85
C MET F 114 -39.81 17.42 9.38
N GLN F 115 -41.01 17.61 9.96
CA GLN F 115 -41.19 17.75 11.39
C GLN F 115 -40.75 16.45 12.08
N LEU F 116 -41.20 15.31 11.55
CA LEU F 116 -40.85 14.01 12.10
C LEU F 116 -39.34 13.76 12.02
N ALA F 117 -38.72 14.18 10.92
CA ALA F 117 -37.30 13.98 10.73
C ALA F 117 -36.51 14.77 11.78
N HIS F 118 -36.97 16.00 12.07
CA HIS F 118 -36.33 16.85 13.07
C HIS F 118 -36.48 16.24 14.46
N MET F 119 -37.64 15.62 14.75
CA MET F 119 -37.88 14.99 16.03
C MET F 119 -36.97 13.76 16.15
N ASN F 120 -36.95 12.93 15.11
CA ASN F 120 -36.13 11.72 15.12
C ASN F 120 -34.64 12.11 15.25
N ARG F 121 -34.23 13.24 14.64
CA ARG F 121 -32.85 13.70 14.76
C ARG F 121 -32.54 14.06 16.22
N HIS F 122 -33.54 14.61 16.93
CA HIS F 122 -33.41 14.95 18.33
C HIS F 122 -33.32 13.69 19.19
N LEU F 123 -34.17 12.70 18.91
CA LEU F 123 -34.20 11.45 19.67
C LEU F 123 -32.95 10.61 19.38
N MET F 124 -32.60 10.46 18.10
CA MET F 124 -31.51 9.59 17.69
C MET F 124 -30.68 10.33 16.62
N PRO F 125 -29.68 11.14 17.01
CA PRO F 125 -28.90 11.93 16.05
C PRO F 125 -28.17 11.11 14.99
N GLU F 126 -27.90 9.84 15.30
CA GLU F 126 -27.11 8.96 14.46
C GLU F 126 -27.99 8.25 13.44
N LEU F 127 -29.32 8.46 13.50
CA LEU F 127 -30.25 7.94 12.51
C LEU F 127 -30.51 8.98 11.43
N GLU F 128 -30.23 8.62 10.18
CA GLU F 128 -30.43 9.53 9.05
CA GLU F 128 -30.42 9.52 9.05
C GLU F 128 -31.72 9.13 8.34
N SER F 129 -32.61 10.08 8.14
CA SER F 129 -33.85 9.86 7.41
C SER F 129 -33.59 10.06 5.92
N VAL F 130 -34.08 9.10 5.13
CA VAL F 130 -33.88 9.08 3.69
C VAL F 130 -35.24 8.96 3.00
N PHE F 131 -35.47 9.80 1.98
CA PHE F 131 -36.80 9.95 1.42
C PHE F 131 -36.80 9.49 -0.04
N LEU F 132 -37.72 8.57 -0.37
CA LEU F 132 -37.90 8.07 -1.72
C LEU F 132 -39.31 8.43 -2.20
N MET F 133 -39.36 8.96 -3.44
CA MET F 133 -40.61 9.17 -4.13
C MET F 133 -41.12 7.84 -4.65
N PRO F 134 -42.44 7.59 -4.65
CA PRO F 134 -42.96 6.34 -5.21
C PRO F 134 -42.88 6.45 -6.72
N SER F 135 -42.83 5.30 -7.40
N SER F 135 -42.83 5.29 -7.40
CA SER F 135 -42.95 5.25 -8.85
CA SER F 135 -42.94 5.19 -8.85
C SER F 135 -44.27 5.90 -9.28
C SER F 135 -44.26 5.84 -9.28
N LYS F 136 -44.29 6.39 -10.51
CA LYS F 136 -45.47 7.06 -11.07
C LYS F 136 -46.67 6.11 -11.03
N GLU F 137 -46.41 4.84 -11.32
CA GLU F 137 -47.39 3.76 -11.35
C GLU F 137 -48.14 3.64 -10.03
N TRP F 138 -47.46 3.85 -8.90
CA TRP F 138 -47.98 3.58 -7.57
C TRP F 138 -48.30 4.88 -6.81
N SER F 139 -48.26 6.02 -7.51
CA SER F 139 -48.25 7.32 -6.86
C SER F 139 -49.61 7.66 -6.26
N PHE F 140 -50.69 7.00 -6.71
CA PHE F 140 -52.02 7.34 -6.21
C PHE F 140 -52.57 6.24 -5.29
N ILE F 141 -51.86 5.12 -5.16
CA ILE F 141 -52.39 4.04 -4.34
C ILE F 141 -51.94 4.21 -2.88
N SER F 142 -52.80 3.72 -2.01
CA SER F 142 -52.51 3.48 -0.61
C SER F 142 -53.25 2.20 -0.20
N SER F 143 -52.80 1.61 0.92
CA SER F 143 -53.49 0.48 1.49
C SER F 143 -54.97 0.80 1.65
N SER F 144 -55.25 1.92 2.34
CA SER F 144 -56.62 2.34 2.65
C SER F 144 -57.51 2.40 1.42
N LEU F 145 -56.98 2.97 0.33
CA LEU F 145 -57.76 3.16 -0.88
C LEU F 145 -58.01 1.80 -1.55
N VAL F 146 -56.98 0.97 -1.63
CA VAL F 146 -57.11 -0.35 -2.24
C VAL F 146 -58.17 -1.16 -1.50
N LYS F 147 -58.23 -1.05 -0.17
CA LYS F 147 -59.19 -1.77 0.63
C LYS F 147 -60.61 -1.32 0.32
N GLU F 148 -60.81 0.01 0.27
CA GLU F 148 -62.12 0.59 0.03
C GLU F 148 -62.63 0.22 -1.35
N VAL F 149 -61.75 0.27 -2.34
CA VAL F 149 -62.10 -0.14 -3.70
C VAL F 149 -62.49 -1.62 -3.71
N ALA F 150 -61.69 -2.46 -3.06
CA ALA F 150 -61.90 -3.90 -3.04
C ALA F 150 -63.20 -4.27 -2.34
N ARG F 151 -63.57 -3.50 -1.31
CA ARG F 151 -64.78 -3.73 -0.53
C ARG F 151 -66.02 -3.63 -1.42
N HIS F 152 -65.94 -2.86 -2.51
CA HIS F 152 -67.05 -2.71 -3.44
C HIS F 152 -66.64 -3.28 -4.79
N ALA F 153 -65.84 -4.34 -4.77
CA ALA F 153 -65.61 -5.21 -5.91
C ALA F 153 -64.86 -4.51 -7.06
N GLY F 154 -64.20 -3.36 -6.78
CA GLY F 154 -63.32 -2.76 -7.77
C GLY F 154 -62.08 -3.62 -7.99
N ASP F 155 -61.53 -3.59 -9.22
CA ASP F 155 -60.40 -4.44 -9.54
C ASP F 155 -59.12 -3.82 -8.99
N VAL F 156 -58.43 -4.56 -8.11
CA VAL F 156 -57.20 -4.10 -7.50
C VAL F 156 -56.11 -5.16 -7.67
N THR F 157 -56.25 -6.03 -8.68
CA THR F 157 -55.25 -7.06 -8.97
C THR F 157 -53.93 -6.41 -9.37
N HIS F 158 -53.99 -5.18 -9.90
CA HIS F 158 -52.83 -4.49 -10.45
C HIS F 158 -51.99 -3.83 -9.35
N PHE F 159 -52.55 -3.70 -8.14
CA PHE F 159 -51.94 -2.91 -7.07
C PHE F 159 -51.33 -3.79 -5.99
N LEU F 160 -51.61 -5.10 -5.99
CA LEU F 160 -51.19 -5.99 -4.92
C LEU F 160 -50.46 -7.19 -5.49
N PRO F 161 -49.51 -7.80 -4.76
CA PRO F 161 -49.00 -9.13 -5.11
C PRO F 161 -50.11 -10.16 -4.91
N ALA F 162 -50.02 -11.29 -5.64
CA ALA F 162 -51.10 -12.27 -5.71
C ALA F 162 -51.48 -12.77 -4.32
N ASN F 163 -50.49 -13.02 -3.46
CA ASN F 163 -50.74 -13.58 -2.14
C ASN F 163 -51.61 -12.62 -1.32
N VAL F 164 -51.34 -11.32 -1.46
CA VAL F 164 -52.06 -10.29 -0.71
C VAL F 164 -53.45 -10.13 -1.30
N HIS F 165 -53.55 -10.22 -2.63
CA HIS F 165 -54.83 -10.10 -3.29
C HIS F 165 -55.78 -11.19 -2.80
N GLN F 166 -55.32 -12.44 -2.79
CA GLN F 166 -56.11 -13.57 -2.34
C GLN F 166 -56.57 -13.36 -0.90
N ALA F 167 -55.66 -12.92 -0.03
CA ALA F 167 -55.95 -12.75 1.39
C ALA F 167 -57.00 -11.65 1.59
N LEU F 168 -56.92 -10.60 0.76
CA LEU F 168 -57.83 -9.47 0.88
C LEU F 168 -59.23 -9.90 0.48
N MET F 169 -59.33 -10.61 -0.65
CA MET F 169 -60.60 -11.17 -1.11
C MET F 169 -61.27 -12.02 -0.03
N GLU F 170 -60.48 -12.80 0.69
CA GLU F 170 -60.99 -13.64 1.76
C GLU F 170 -61.51 -12.80 2.93
N LYS F 171 -60.84 -11.68 3.23
CA LYS F 171 -61.28 -10.81 4.31
C LYS F 171 -62.65 -10.19 4.01
N LEU F 172 -62.98 -10.03 2.72
CA LEU F 172 -64.13 -9.25 2.29
C LEU F 172 -65.28 -10.15 1.82
N LYS F 173 -65.29 -11.41 2.24
CA LYS F 173 -66.22 -12.41 1.77
C LYS F 173 -67.70 -12.00 2.01
P PAE G . 31.31 -3.83 6.16
O1P PAE G . 32.82 -3.75 6.10
O2P PAE G . 30.73 -2.55 6.77
O3P PAE G . 30.71 -4.19 4.81
C1P PAE G . 30.90 -5.23 7.25
C1 PAE G . 31.91 -6.36 7.17
O1 PAE G . 32.75 -6.42 8.06
O2 PAE G . 31.84 -7.16 6.21
C1 GOL H . 11.10 9.01 -8.73
O1 GOL H . 11.51 10.30 -9.21
C2 GOL H . 9.60 8.77 -8.79
O2 GOL H . 8.89 9.87 -8.24
C3 GOL H . 9.21 7.50 -8.07
O3 GOL H . 7.82 7.49 -7.76
P PAE I . 4.08 11.12 6.41
O1P PAE I . 3.48 12.37 5.83
O2P PAE I . 5.45 10.82 5.75
O3P PAE I . 4.15 11.18 7.92
C1P PAE I . 3.05 9.69 5.98
C1 PAE I . 1.59 9.78 6.37
O1 PAE I . 0.75 9.54 5.52
O2 PAE I . 1.36 10.05 7.54
C1 EDO J . 26.07 -21.96 0.71
O1 EDO J . 26.98 -21.62 -0.30
C2 EDO J . 26.56 -22.98 1.70
O2 EDO J . 27.34 -22.49 2.79
P PAE K . 19.88 -25.80 9.71
O1P PAE K . 21.14 -26.60 9.56
O2P PAE K . 19.41 -25.28 8.37
O3P PAE K . 18.80 -26.58 10.42
C1P PAE K . 20.30 -24.40 10.80
C1 PAE K . 20.96 -24.84 12.10
O1 PAE K . 22.19 -24.82 12.18
O2 PAE K . 20.22 -25.19 13.01
C1 GOL L . 12.72 -28.18 -20.20
O1 GOL L . 13.17 -27.15 -21.09
C2 GOL L . 13.71 -28.42 -19.08
O2 GOL L . 13.16 -29.34 -18.13
C3 GOL L . 15.04 -28.93 -19.58
O3 GOL L . 16.10 -28.71 -18.63
P PAE M . 4.41 -6.79 -10.90
O1P PAE M . 3.34 -6.78 -12.00
O2P PAE M . 4.60 -8.17 -10.30
O3P PAE M . 5.71 -6.18 -11.39
C1P PAE M . 3.78 -5.76 -9.55
C1 PAE M . 3.07 -4.53 -10.09
O1 PAE M . 1.82 -4.52 -10.12
O2 PAE M . 3.79 -3.61 -10.51
P PAE N . -29.14 26.50 -3.15
O1P PAE N . -28.00 26.87 -4.06
O2P PAE N . -29.60 25.05 -3.36
O3P PAE N . -28.76 26.77 -1.73
C1P PAE N . -30.54 27.54 -3.68
C1 PAE N . -30.09 28.89 -4.20
O1 PAE N . -30.04 29.01 -5.43
O2 PAE N . -29.80 29.76 -3.36
P PAE O . -49.91 3.20 3.46
O1P PAE O . -49.83 1.85 4.19
O2P PAE O . -48.62 3.99 3.59
O3P PAE O . -50.34 3.01 2.04
C1P PAE O . -51.15 4.21 4.35
C1 PAE O . -52.54 3.59 4.37
O1 PAE O . -53.04 3.37 5.47
O2 PAE O . -53.09 3.34 3.29
C1 EDO P . -46.67 3.97 -2.05
O1 EDO P . -47.82 3.98 -2.90
C2 EDO P . -46.96 3.59 -0.64
O2 EDO P . -46.20 4.28 0.33
#